data_3KHS
#
_entry.id   3KHS
#
_cell.length_a   193.048
_cell.length_b   193.048
_cell.length_c   105.629
_cell.angle_alpha   90.00
_cell.angle_beta   90.00
_cell.angle_gamma   120.00
#
_symmetry.space_group_name_H-M   'H 3'
#
loop_
_entity.id
_entity.type
_entity.pdbx_description
1 polymer 'Purine nucleoside phosphorylase'
2 non-polymer 'PHOSPHATE ION'
3 non-polymer 2-AMINO-2-HYDROXYMETHYL-PROPANE-1,3-DIOL
4 water water
#
_entity_poly.entity_id   1
_entity_poly.type   'polypeptide(L)'
_entity_poly.pdbx_seq_one_letter_code
;MTDYDLAKETAAWLNKQLQIRPVLGIVCGSGLGKIGDSLETSITVAYSDIPNFPVGSVKGHAGSLIFGSVNGVSCVCMKG
RFHLYEGHTAARATFPMRVFKALGVKIVVLTNAAGGLNPSYRPGDFMVVRDHINLPGLAGANPLTGPNDDTEGERFPSMT
SVYDKTLRKYAISAARELGMSYATHEGVYCCVNGPSFETPAECKILRLMGSDAVGMSTAPETIVAKHGGMRCLAVSLISN
VIASNCETPAEPTHEEVLRAGEEASARMTALVKLVIEKIRGELPR
;
_entity_poly.pdbx_strand_id   A,B,C,D
#
loop_
_chem_comp.id
_chem_comp.type
_chem_comp.name
_chem_comp.formula
PO4 non-polymer 'PHOSPHATE ION' 'O4 P -3'
TRS non-polymer 2-AMINO-2-HYDROXYMETHYL-PROPANE-1,3-DIOL 'C4 H12 N O3 1'
#
# COMPACT_ATOMS: atom_id res chain seq x y z
N MET A 1 5.60 -22.41 -22.67
CA MET A 1 6.90 -21.68 -22.55
C MET A 1 6.69 -20.28 -21.98
N THR A 2 7.19 -20.07 -20.76
CA THR A 2 7.07 -18.80 -20.05
C THR A 2 8.14 -17.81 -20.51
N ASP A 3 7.95 -16.54 -20.16
CA ASP A 3 8.90 -15.51 -20.54
C ASP A 3 10.30 -15.92 -20.11
N TYR A 4 10.44 -16.44 -18.89
CA TYR A 4 11.74 -16.85 -18.38
C TYR A 4 12.32 -17.93 -19.30
N ASP A 5 11.47 -18.84 -19.76
CA ASP A 5 11.89 -19.90 -20.68
C ASP A 5 12.39 -19.27 -21.97
N LEU A 6 11.65 -18.30 -22.51
CA LEU A 6 12.06 -17.64 -23.75
C LEU A 6 13.33 -16.82 -23.55
N ALA A 7 13.49 -16.28 -22.34
CA ALA A 7 14.67 -15.49 -22.01
C ALA A 7 15.91 -16.40 -22.08
N LYS A 8 15.79 -17.59 -21.48
CA LYS A 8 16.89 -18.56 -21.50
C LYS A 8 17.27 -18.93 -22.92
N GLU A 9 16.25 -19.09 -23.76
CA GLU A 9 16.46 -19.44 -25.16
C GLU A 9 17.21 -18.32 -25.82
N THR A 10 16.70 -17.10 -25.70
CA THR A 10 17.36 -15.95 -26.30
C THR A 10 18.79 -15.86 -25.79
N ALA A 11 19.00 -16.13 -24.51
CA ALA A 11 20.33 -16.07 -23.93
C ALA A 11 21.23 -17.12 -24.60
N ALA A 12 20.75 -18.36 -24.61
CA ALA A 12 21.50 -19.46 -25.20
C ALA A 12 21.91 -19.13 -26.63
N TRP A 13 21.05 -18.42 -27.35
CA TRP A 13 21.37 -18.08 -28.73
C TRP A 13 22.45 -17.01 -28.81
N LEU A 14 22.45 -16.10 -27.83
CA LEU A 14 23.43 -15.03 -27.79
C LEU A 14 24.75 -15.64 -27.37
N ASN A 15 24.68 -16.55 -26.39
CA ASN A 15 25.90 -17.12 -25.91
C ASN A 15 26.70 -17.87 -26.96
N LYS A 16 26.03 -18.34 -28.00
CA LYS A 16 26.73 -19.06 -29.07
C LYS A 16 27.87 -18.19 -29.59
N GLN A 17 27.65 -16.88 -29.57
CA GLN A 17 28.63 -15.93 -30.10
C GLN A 17 29.54 -15.26 -29.08
N LEU A 18 29.59 -15.81 -27.88
CA LEU A 18 30.41 -15.23 -26.82
C LEU A 18 31.49 -16.11 -26.23
N GLN A 19 32.63 -15.48 -25.95
CA GLN A 19 33.78 -16.16 -25.34
C GLN A 19 33.61 -16.12 -23.83
N ILE A 20 33.21 -14.96 -23.34
CA ILE A 20 33.03 -14.76 -21.90
C ILE A 20 31.61 -14.25 -21.65
N ARG A 21 30.91 -14.88 -20.73
CA ARG A 21 29.55 -14.48 -20.39
C ARG A 21 29.64 -13.13 -19.69
N PRO A 22 28.75 -12.18 -20.03
CA PRO A 22 28.77 -10.85 -19.40
C PRO A 22 28.42 -10.99 -17.92
N VAL A 23 29.06 -10.19 -17.08
CA VAL A 23 28.78 -10.26 -15.66
C VAL A 23 28.13 -8.94 -15.23
N LEU A 24 28.34 -7.90 -16.04
CA LEU A 24 27.77 -6.59 -15.76
C LEU A 24 26.95 -6.13 -16.95
N GLY A 25 25.76 -5.59 -16.69
CA GLY A 25 24.90 -5.12 -17.75
C GLY A 25 24.72 -3.61 -17.73
N ILE A 26 24.44 -3.04 -18.90
CA ILE A 26 24.27 -1.61 -19.05
C ILE A 26 23.10 -1.32 -19.98
N VAL A 27 22.21 -0.40 -19.58
CA VAL A 27 21.07 0.00 -20.41
C VAL A 27 21.25 1.50 -20.68
N CYS A 28 21.38 1.88 -21.94
CA CYS A 28 21.58 3.28 -22.27
C CYS A 28 20.27 4.00 -22.52
N GLY A 29 20.04 5.07 -21.77
CA GLY A 29 18.82 5.83 -21.92
C GLY A 29 18.85 6.71 -23.16
N SER A 30 17.92 7.66 -23.21
CA SER A 30 17.83 8.57 -24.34
C SER A 30 19.06 9.46 -24.54
N GLY A 31 19.68 9.35 -25.72
CA GLY A 31 20.85 10.15 -26.04
C GLY A 31 22.12 9.73 -25.32
N LEU A 32 22.06 8.60 -24.62
CA LEU A 32 23.22 8.13 -23.89
C LEU A 32 23.86 6.89 -24.55
N GLY A 33 23.64 6.75 -25.85
CA GLY A 33 24.20 5.64 -26.60
C GLY A 33 25.71 5.55 -26.56
N LYS A 34 26.38 6.68 -26.76
CA LYS A 34 27.83 6.74 -26.74
C LYS A 34 28.49 5.86 -25.68
N ILE A 35 27.79 5.66 -24.56
CA ILE A 35 28.35 4.84 -23.49
C ILE A 35 28.83 3.50 -24.02
N GLY A 36 28.13 3.00 -25.03
CA GLY A 36 28.48 1.72 -25.61
C GLY A 36 29.84 1.62 -26.30
N ASP A 37 30.30 2.73 -26.88
CA ASP A 37 31.59 2.75 -27.56
C ASP A 37 32.68 2.41 -26.56
N SER A 38 32.36 2.48 -25.28
CA SER A 38 33.30 2.20 -24.21
C SER A 38 33.69 0.72 -24.10
N LEU A 39 32.93 -0.15 -24.74
CA LEU A 39 33.24 -1.59 -24.67
C LEU A 39 34.33 -1.98 -25.67
N GLU A 40 35.33 -2.67 -25.15
CA GLU A 40 36.47 -3.12 -25.95
C GLU A 40 36.30 -4.54 -26.49
N THR A 41 36.88 -4.80 -27.66
CA THR A 41 36.81 -6.13 -28.30
C THR A 41 35.35 -6.53 -28.32
N SER A 42 34.55 -5.62 -28.85
CA SER A 42 33.10 -5.77 -28.91
C SER A 42 32.46 -6.49 -30.08
N ILE A 43 31.45 -7.28 -29.73
CA ILE A 43 30.63 -8.03 -30.68
C ILE A 43 29.31 -7.23 -30.64
N THR A 44 28.72 -6.95 -31.79
CA THR A 44 27.48 -6.19 -31.84
C THR A 44 26.36 -7.01 -32.47
N VAL A 45 25.20 -7.05 -31.80
CA VAL A 45 24.04 -7.78 -32.30
C VAL A 45 22.81 -6.86 -32.35
N ALA A 46 22.34 -6.54 -33.55
CA ALA A 46 21.17 -5.67 -33.70
C ALA A 46 19.98 -6.33 -32.99
N TYR A 47 19.13 -5.51 -32.36
CA TYR A 47 17.97 -6.05 -31.67
C TYR A 47 17.09 -6.84 -32.66
N SER A 48 17.00 -6.35 -33.89
CA SER A 48 16.16 -6.99 -34.91
C SER A 48 16.53 -8.43 -35.24
N ASP A 49 17.78 -8.83 -34.98
CA ASP A 49 18.18 -10.21 -35.27
C ASP A 49 18.11 -11.08 -34.02
N ILE A 50 17.83 -10.46 -32.88
CA ILE A 50 17.73 -11.21 -31.63
C ILE A 50 16.35 -11.84 -31.49
N PRO A 51 16.32 -13.15 -31.25
CA PRO A 51 15.10 -13.94 -31.07
C PRO A 51 14.33 -13.49 -29.83
N ASN A 52 13.02 -13.33 -29.97
CA ASN A 52 12.16 -12.93 -28.86
C ASN A 52 12.23 -11.46 -28.42
N PHE A 53 13.18 -10.67 -28.92
CA PHE A 53 13.29 -9.26 -28.54
C PHE A 53 12.21 -8.44 -29.25
N PRO A 54 11.71 -7.36 -28.63
CA PRO A 54 10.67 -6.60 -29.35
C PRO A 54 11.28 -5.72 -30.47
N ALA A 62 16.48 0.95 -34.49
CA ALA A 62 17.90 0.74 -34.72
C ALA A 62 18.66 0.40 -33.41
N GLY A 63 17.99 -0.33 -32.52
CA GLY A 63 18.63 -0.69 -31.25
C GLY A 63 19.56 -1.87 -31.39
N SER A 64 20.63 -1.87 -30.61
CA SER A 64 21.62 -2.94 -30.65
C SER A 64 22.20 -3.31 -29.28
N LEU A 65 22.61 -4.58 -29.17
CA LEU A 65 23.17 -5.10 -27.93
C LEU A 65 24.67 -5.28 -28.16
N ILE A 66 25.48 -4.73 -27.27
CA ILE A 66 26.92 -4.78 -27.41
C ILE A 66 27.61 -5.59 -26.32
N PHE A 67 28.47 -6.52 -26.72
CA PHE A 67 29.20 -7.34 -25.76
C PHE A 67 30.67 -6.99 -25.83
N GLY A 68 31.27 -6.75 -24.67
CA GLY A 68 32.67 -6.39 -24.64
C GLY A 68 33.10 -6.08 -23.23
N SER A 69 34.36 -5.69 -23.07
CA SER A 69 34.88 -5.40 -21.76
C SER A 69 35.15 -3.92 -21.51
N VAL A 70 35.17 -3.57 -20.23
CA VAL A 70 35.42 -2.20 -19.81
C VAL A 70 36.16 -2.40 -18.50
N ASN A 71 37.31 -1.74 -18.35
CA ASN A 71 38.11 -1.87 -17.15
C ASN A 71 38.25 -3.32 -16.65
N GLY A 72 38.40 -4.24 -17.61
CA GLY A 72 38.58 -5.65 -17.28
C GLY A 72 37.34 -6.44 -16.92
N VAL A 73 36.17 -5.82 -17.09
CA VAL A 73 34.91 -6.48 -16.79
C VAL A 73 34.14 -6.79 -18.07
N SER A 74 33.68 -8.03 -18.22
CA SER A 74 32.90 -8.39 -19.40
C SER A 74 31.47 -7.84 -19.20
N CYS A 75 31.03 -7.03 -20.15
CA CYS A 75 29.72 -6.41 -20.06
C CYS A 75 28.87 -6.65 -21.28
N VAL A 76 27.58 -6.42 -21.10
CA VAL A 76 26.62 -6.49 -22.20
C VAL A 76 25.95 -5.13 -22.05
N CYS A 77 25.86 -4.39 -23.14
CA CYS A 77 25.26 -3.07 -23.09
C CYS A 77 24.12 -2.92 -24.09
N MET A 78 22.98 -2.44 -23.58
CA MET A 78 21.79 -2.19 -24.40
C MET A 78 21.85 -0.77 -24.90
N LYS A 79 21.91 -0.60 -26.22
CA LYS A 79 21.95 0.72 -26.84
C LYS A 79 20.50 0.98 -27.29
N GLY A 80 19.69 1.43 -26.35
CA GLY A 80 18.28 1.67 -26.63
C GLY A 80 17.50 0.71 -25.75
N ARG A 81 16.34 1.15 -25.27
CA ARG A 81 15.52 0.32 -24.40
C ARG A 81 14.08 0.30 -24.91
N PHE A 82 13.20 -0.37 -24.19
CA PHE A 82 11.78 -0.42 -24.58
C PHE A 82 10.92 0.27 -23.52
N HIS A 83 9.88 0.98 -23.96
CA HIS A 83 9.01 1.72 -23.04
C HIS A 83 7.54 1.35 -23.16
N LEU A 84 6.81 1.44 -22.04
CA LEU A 84 5.38 1.17 -22.07
C LEU A 84 4.65 2.06 -23.05
N TYR A 85 5.11 3.30 -23.22
CA TYR A 85 4.41 4.21 -24.13
C TYR A 85 4.52 3.83 -25.61
N GLU A 86 5.43 2.92 -25.96
CA GLU A 86 5.54 2.51 -27.36
C GLU A 86 4.46 1.48 -27.67
N GLY A 87 3.82 0.94 -26.64
CA GLY A 87 2.79 -0.05 -26.86
C GLY A 87 3.11 -1.40 -26.25
N HIS A 88 4.33 -1.59 -25.76
CA HIS A 88 4.70 -2.87 -25.15
C HIS A 88 4.08 -2.98 -23.77
N THR A 89 3.84 -4.20 -23.33
CA THR A 89 3.30 -4.44 -22.01
C THR A 89 4.51 -4.30 -21.09
N ALA A 90 4.25 -4.11 -19.80
CA ALA A 90 5.38 -3.98 -18.88
C ALA A 90 6.28 -5.22 -18.93
N ALA A 91 5.68 -6.39 -19.09
CA ALA A 91 6.45 -7.63 -19.16
C ALA A 91 7.29 -7.65 -20.43
N ARG A 92 6.67 -7.26 -21.54
CA ARG A 92 7.38 -7.23 -22.81
C ARG A 92 8.58 -6.30 -22.79
N ALA A 93 8.37 -5.05 -22.36
CA ALA A 93 9.44 -4.07 -22.33
C ALA A 93 10.53 -4.45 -21.36
N THR A 94 10.24 -5.34 -20.42
CA THR A 94 11.27 -5.74 -19.46
C THR A 94 11.84 -7.11 -19.78
N PHE A 95 11.59 -7.59 -20.99
CA PHE A 95 12.09 -8.91 -21.41
C PHE A 95 13.64 -8.92 -21.43
N PRO A 96 14.26 -7.82 -21.92
CA PRO A 96 15.73 -7.76 -21.96
C PRO A 96 16.35 -7.96 -20.57
N MET A 97 15.64 -7.53 -19.54
CA MET A 97 16.16 -7.69 -18.17
C MET A 97 16.19 -9.17 -17.80
N ARG A 98 15.19 -9.92 -18.26
CA ARG A 98 15.14 -11.34 -17.97
C ARG A 98 16.28 -11.99 -18.77
N VAL A 99 16.52 -11.48 -19.97
CA VAL A 99 17.62 -12.01 -20.78
C VAL A 99 18.94 -11.74 -20.05
N PHE A 100 19.15 -10.51 -19.59
CA PHE A 100 20.38 -10.20 -18.87
C PHE A 100 20.59 -11.22 -17.79
N LYS A 101 19.53 -11.56 -17.04
CA LYS A 101 19.67 -12.54 -15.95
C LYS A 101 20.11 -13.88 -16.47
N ALA A 102 19.44 -14.35 -17.52
CA ALA A 102 19.74 -15.64 -18.12
C ALA A 102 21.16 -15.68 -18.68
N LEU A 103 21.73 -14.50 -18.95
CA LEU A 103 23.09 -14.43 -19.48
C LEU A 103 24.11 -14.49 -18.33
N GLY A 104 23.60 -14.43 -17.10
CA GLY A 104 24.49 -14.50 -15.95
C GLY A 104 24.90 -13.14 -15.39
N VAL A 105 24.26 -12.08 -15.86
CA VAL A 105 24.57 -10.73 -15.38
C VAL A 105 24.27 -10.65 -13.86
N LYS A 106 25.16 -10.00 -13.13
CA LYS A 106 24.98 -9.86 -11.69
C LYS A 106 24.66 -8.44 -11.27
N ILE A 107 25.15 -7.48 -12.04
CA ILE A 107 24.96 -6.06 -11.77
C ILE A 107 24.45 -5.36 -13.02
N VAL A 108 23.43 -4.52 -12.85
CA VAL A 108 22.91 -3.77 -13.98
C VAL A 108 22.99 -2.27 -13.72
N VAL A 109 23.52 -1.54 -14.69
CA VAL A 109 23.70 -0.09 -14.58
C VAL A 109 22.78 0.54 -15.60
N LEU A 110 21.75 1.24 -15.12
CA LEU A 110 20.76 1.85 -15.99
C LEU A 110 20.91 3.38 -16.05
N THR A 111 20.64 3.96 -17.21
CA THR A 111 20.70 5.40 -17.36
C THR A 111 19.43 5.83 -18.10
N ASN A 112 19.02 7.08 -17.90
CA ASN A 112 17.86 7.62 -18.61
C ASN A 112 17.92 9.13 -18.59
N ALA A 113 17.06 9.76 -19.39
CA ALA A 113 16.97 11.22 -19.42
C ALA A 113 15.67 11.49 -18.68
N ALA A 114 15.65 12.48 -17.79
CA ALA A 114 14.44 12.75 -17.03
C ALA A 114 14.22 14.23 -16.76
N GLY A 115 13.01 14.56 -16.35
CA GLY A 115 12.68 15.94 -16.03
C GLY A 115 12.86 16.14 -14.54
N GLY A 116 13.59 17.19 -14.16
CA GLY A 116 13.80 17.44 -12.75
C GLY A 116 12.66 18.19 -12.11
N LEU A 117 12.25 17.75 -10.92
CA LEU A 117 11.18 18.43 -10.18
C LEU A 117 11.81 19.08 -8.95
N ASN A 118 12.91 18.50 -8.46
CA ASN A 118 13.60 19.03 -7.29
C ASN A 118 14.13 20.44 -7.59
N PRO A 119 13.76 21.42 -6.77
CA PRO A 119 14.16 22.83 -6.89
C PRO A 119 15.64 23.10 -7.14
N SER A 120 16.52 22.24 -6.63
CA SER A 120 17.94 22.51 -6.80
C SER A 120 18.60 21.83 -7.99
N TYR A 121 17.84 21.08 -8.76
CA TYR A 121 18.39 20.40 -9.93
C TYR A 121 18.46 21.43 -11.07
N ARG A 122 19.40 21.22 -11.97
CA ARG A 122 19.58 22.09 -13.13
C ARG A 122 19.76 21.20 -14.35
N PRO A 123 19.39 21.71 -15.53
CA PRO A 123 19.57 20.85 -16.70
C PRO A 123 21.04 20.53 -16.83
N GLY A 124 21.35 19.26 -17.08
CA GLY A 124 22.73 18.84 -17.20
C GLY A 124 23.17 18.03 -16.00
N ASP A 125 22.48 18.20 -14.87
CA ASP A 125 22.82 17.49 -13.65
C ASP A 125 22.56 15.97 -13.78
N PHE A 126 23.05 15.23 -12.80
CA PHE A 126 22.86 13.81 -12.74
C PHE A 126 22.13 13.49 -11.44
N MET A 127 21.14 12.60 -11.50
CA MET A 127 20.48 12.19 -10.27
C MET A 127 20.65 10.69 -10.10
N VAL A 128 21.45 10.31 -9.11
CA VAL A 128 21.66 8.92 -8.80
C VAL A 128 20.34 8.51 -8.19
N VAL A 129 19.79 7.36 -8.61
CA VAL A 129 18.51 6.95 -8.06
C VAL A 129 18.60 6.17 -6.77
N ARG A 130 17.94 6.66 -5.72
CA ARG A 130 17.92 5.96 -4.43
C ARG A 130 16.63 5.18 -4.23
N ASP A 131 15.58 5.56 -4.96
CA ASP A 131 14.32 4.87 -4.87
C ASP A 131 13.40 5.28 -6.00
N HIS A 132 12.31 4.56 -6.20
CA HIS A 132 11.38 4.95 -7.25
C HIS A 132 9.93 4.86 -6.88
N ILE A 133 9.10 5.49 -7.70
CA ILE A 133 7.65 5.52 -7.53
C ILE A 133 7.18 5.10 -8.90
N ASN A 134 6.70 3.86 -9.00
CA ASN A 134 6.24 3.34 -10.27
C ASN A 134 4.71 3.29 -10.37
N LEU A 135 4.13 4.38 -10.85
CA LEU A 135 2.67 4.47 -10.96
C LEU A 135 2.04 3.37 -11.82
N PRO A 136 2.55 3.13 -13.04
CA PRO A 136 1.90 2.07 -13.83
C PRO A 136 1.89 0.72 -13.11
N GLY A 137 2.97 0.42 -12.41
CA GLY A 137 3.07 -0.85 -11.70
C GLY A 137 2.19 -1.01 -10.48
N LEU A 138 1.60 0.08 -10.00
CA LEU A 138 0.72 0.01 -8.85
C LEU A 138 -0.72 -0.15 -9.35
N ALA A 139 -0.95 0.16 -10.63
CA ALA A 139 -2.29 0.10 -11.18
C ALA A 139 -2.56 -0.60 -12.51
N GLY A 140 -2.24 -1.88 -12.64
CA GLY A 140 -2.56 -2.54 -13.90
C GLY A 140 -1.52 -2.66 -14.99
N ALA A 141 -0.27 -2.36 -14.69
CA ALA A 141 0.80 -2.48 -15.67
C ALA A 141 2.07 -2.76 -14.91
N ASN A 142 2.06 -3.86 -14.17
CA ASN A 142 3.23 -4.26 -13.42
C ASN A 142 3.97 -5.27 -14.28
N PRO A 143 5.30 -5.13 -14.40
CA PRO A 143 6.09 -6.05 -15.23
C PRO A 143 6.18 -7.51 -14.76
N LEU A 144 5.78 -7.77 -13.52
CA LEU A 144 5.81 -9.13 -12.99
C LEU A 144 4.42 -9.74 -13.06
N THR A 145 3.44 -8.97 -13.54
CA THR A 145 2.07 -9.49 -13.64
C THR A 145 2.07 -10.75 -14.50
N GLY A 146 1.46 -11.81 -14.00
CA GLY A 146 1.40 -13.07 -14.74
C GLY A 146 1.87 -14.22 -13.90
N PRO A 147 2.07 -15.42 -14.47
CA PRO A 147 2.54 -16.54 -13.66
C PRO A 147 4.01 -16.36 -13.30
N ASN A 148 4.40 -16.87 -12.14
CA ASN A 148 5.77 -16.76 -11.69
C ASN A 148 6.49 -18.11 -11.51
N ASP A 149 7.69 -18.19 -12.06
CA ASP A 149 8.52 -19.38 -11.95
C ASP A 149 9.19 -19.32 -10.57
N ASP A 150 8.68 -20.08 -9.61
CA ASP A 150 9.23 -20.08 -8.24
C ASP A 150 10.73 -20.38 -8.13
N THR A 151 11.33 -20.81 -9.23
CA THR A 151 12.75 -21.14 -9.28
C THR A 151 13.56 -19.98 -9.87
N GLU A 152 12.84 -19.02 -10.45
CA GLU A 152 13.47 -17.84 -11.06
C GLU A 152 13.44 -16.64 -10.10
N GLY A 153 12.49 -16.66 -9.16
CA GLY A 153 12.36 -15.59 -8.19
C GLY A 153 11.11 -15.71 -7.33
N GLU A 154 11.00 -14.84 -6.33
CA GLU A 154 9.86 -14.82 -5.43
C GLU A 154 8.56 -14.42 -6.15
N ARG A 155 7.43 -14.91 -5.67
CA ARG A 155 6.13 -14.56 -6.27
C ARG A 155 5.88 -13.11 -5.89
N PHE A 156 6.16 -12.79 -4.64
CA PHE A 156 5.97 -11.45 -4.07
C PHE A 156 7.32 -10.90 -3.64
N PRO A 157 8.12 -10.45 -4.61
CA PRO A 157 9.46 -9.90 -4.37
C PRO A 157 9.45 -8.58 -3.62
N SER A 158 10.38 -8.45 -2.68
CA SER A 158 10.53 -7.24 -1.89
C SER A 158 11.15 -6.17 -2.75
N MET A 159 10.64 -4.95 -2.66
CA MET A 159 11.18 -3.83 -3.41
C MET A 159 11.68 -2.79 -2.42
N THR A 160 11.98 -3.23 -1.21
CA THR A 160 12.44 -2.32 -0.18
C THR A 160 13.80 -1.70 -0.47
N SER A 161 14.63 -2.41 -1.24
CA SER A 161 15.96 -1.90 -1.57
C SER A 161 16.31 -2.14 -3.02
N VAL A 162 15.50 -1.62 -3.93
CA VAL A 162 15.76 -1.82 -5.35
C VAL A 162 17.14 -1.32 -5.76
N TYR A 163 17.52 -0.15 -5.24
CA TYR A 163 18.82 0.43 -5.60
C TYR A 163 19.92 0.18 -4.58
N ASP A 164 20.82 -0.73 -4.94
CA ASP A 164 21.95 -1.13 -4.10
C ASP A 164 22.67 0.06 -3.46
N LYS A 165 22.63 0.10 -2.13
CA LYS A 165 23.27 1.16 -1.37
C LYS A 165 24.76 1.30 -1.68
N THR A 166 25.43 0.17 -1.87
CA THR A 166 26.85 0.18 -2.20
C THR A 166 27.10 0.73 -3.58
N LEU A 167 26.32 0.31 -4.57
CA LEU A 167 26.57 0.82 -5.93
C LEU A 167 26.32 2.32 -5.96
N ARG A 168 25.40 2.78 -5.12
CA ARG A 168 25.09 4.18 -5.06
C ARG A 168 26.32 4.94 -4.54
N LYS A 169 26.92 4.43 -3.46
CA LYS A 169 28.14 5.04 -2.89
C LYS A 169 29.21 5.14 -3.94
N TYR A 170 29.40 4.06 -4.69
CA TYR A 170 30.39 4.08 -5.77
C TYR A 170 30.09 5.21 -6.73
N ALA A 171 28.81 5.36 -7.08
CA ALA A 171 28.39 6.38 -8.03
C ALA A 171 28.65 7.79 -7.53
N ILE A 172 28.26 8.05 -6.28
CA ILE A 172 28.45 9.38 -5.68
C ILE A 172 29.93 9.76 -5.60
N SER A 173 30.74 8.83 -5.13
CA SER A 173 32.17 9.07 -5.00
C SER A 173 32.83 9.17 -6.37
N ALA A 174 32.34 8.42 -7.35
CA ALA A 174 32.92 8.49 -8.69
C ALA A 174 32.65 9.86 -9.26
N ALA A 175 31.50 10.41 -8.90
CA ALA A 175 31.11 11.74 -9.36
C ALA A 175 32.05 12.76 -8.74
N ARG A 176 32.25 12.66 -7.43
CA ARG A 176 33.14 13.57 -6.72
C ARG A 176 34.50 13.49 -7.39
N GLU A 177 35.04 12.28 -7.47
CA GLU A 177 36.32 12.02 -8.09
C GLU A 177 36.45 12.63 -9.47
N LEU A 178 35.35 12.68 -10.22
CA LEU A 178 35.38 13.24 -11.57
C LEU A 178 35.15 14.76 -11.59
N GLY A 179 34.89 15.33 -10.41
CA GLY A 179 34.66 16.77 -10.30
C GLY A 179 33.24 17.21 -10.62
N MET A 180 32.26 16.32 -10.41
CA MET A 180 30.86 16.64 -10.71
C MET A 180 29.99 16.60 -9.47
N SER A 181 30.62 16.60 -8.31
CA SER A 181 29.86 16.50 -7.07
C SER A 181 28.77 17.55 -6.91
N TYR A 182 28.97 18.75 -7.44
CA TYR A 182 27.95 19.80 -7.30
C TYR A 182 26.77 19.66 -8.26
N ALA A 183 26.95 18.84 -9.30
CA ALA A 183 25.91 18.64 -10.30
C ALA A 183 25.38 17.21 -10.24
N THR A 184 25.71 16.51 -9.17
CA THR A 184 25.29 15.14 -8.98
C THR A 184 24.47 15.02 -7.71
N HIS A 185 23.24 14.55 -7.83
CA HIS A 185 22.38 14.42 -6.66
C HIS A 185 21.98 12.96 -6.45
N GLU A 186 21.22 12.73 -5.38
CA GLU A 186 20.70 11.41 -5.06
C GLU A 186 19.23 11.65 -4.73
N GLY A 187 18.33 11.00 -5.47
CA GLY A 187 16.92 11.22 -5.21
C GLY A 187 15.97 10.16 -5.71
N VAL A 188 14.68 10.50 -5.63
CA VAL A 188 13.61 9.61 -6.01
C VAL A 188 13.13 9.78 -7.45
N TYR A 189 13.12 8.66 -8.18
CA TYR A 189 12.68 8.68 -9.58
C TYR A 189 11.23 8.24 -9.70
N CYS A 190 10.37 9.07 -10.29
CA CYS A 190 8.96 8.70 -10.48
C CYS A 190 8.71 8.32 -11.93
N CYS A 191 8.23 7.08 -12.10
CA CYS A 191 7.95 6.54 -13.42
C CYS A 191 6.48 6.67 -13.77
N VAL A 192 6.19 7.27 -14.94
CA VAL A 192 4.83 7.43 -15.44
C VAL A 192 4.77 6.70 -16.77
N ASN A 193 3.55 6.50 -17.29
CA ASN A 193 3.39 5.80 -18.56
C ASN A 193 3.91 6.56 -19.78
N GLY A 194 3.55 7.84 -19.87
CA GLY A 194 3.93 8.62 -21.03
C GLY A 194 2.90 8.31 -22.13
N PRO A 195 3.10 8.79 -23.37
CA PRO A 195 4.25 9.58 -23.82
C PRO A 195 4.02 11.06 -23.64
N SER A 196 2.79 11.44 -23.27
CA SER A 196 2.48 12.85 -23.05
C SER A 196 3.10 13.30 -21.74
N PHE A 197 3.63 14.52 -21.72
CA PHE A 197 4.21 15.04 -20.49
C PHE A 197 3.02 15.40 -19.58
N GLU A 198 3.26 15.50 -18.28
CA GLU A 198 2.13 15.79 -17.41
C GLU A 198 1.62 17.23 -17.35
N THR A 199 0.35 17.38 -17.00
CA THR A 199 -0.23 18.70 -16.86
C THR A 199 0.35 19.31 -15.58
N PRO A 200 0.24 20.64 -15.43
CA PRO A 200 0.77 21.27 -14.22
C PRO A 200 0.10 20.67 -12.97
N ALA A 201 -1.21 20.43 -13.06
CA ALA A 201 -1.91 19.85 -11.93
C ALA A 201 -1.41 18.45 -11.61
N GLU A 202 -0.96 17.70 -12.63
CA GLU A 202 -0.45 16.36 -12.40
C GLU A 202 0.97 16.44 -11.81
N CYS A 203 1.73 17.41 -12.28
CA CYS A 203 3.09 17.66 -11.82
C CYS A 203 3.04 17.97 -10.32
N LYS A 204 2.00 18.72 -9.92
CA LYS A 204 1.85 19.03 -8.51
C LYS A 204 1.67 17.76 -7.70
N ILE A 205 0.82 16.87 -8.17
CA ILE A 205 0.60 15.62 -7.49
C ILE A 205 1.94 14.87 -7.35
N LEU A 206 2.71 14.89 -8.42
CA LEU A 206 3.98 14.20 -8.44
C LEU A 206 4.96 14.75 -7.38
N ARG A 207 4.89 16.06 -7.15
CA ARG A 207 5.72 16.70 -6.15
C ARG A 207 5.18 16.30 -4.79
N LEU A 208 3.84 16.29 -4.66
CA LEU A 208 3.24 15.88 -3.40
C LEU A 208 3.69 14.46 -3.05
N MET A 209 3.96 13.62 -4.05
CA MET A 209 4.35 12.23 -3.78
C MET A 209 5.83 12.10 -3.40
N GLY A 210 6.56 13.20 -3.48
CA GLY A 210 7.97 13.16 -3.10
C GLY A 210 8.89 12.83 -4.26
N SER A 211 8.52 13.16 -5.49
CA SER A 211 9.38 12.83 -6.64
C SER A 211 10.40 13.92 -6.90
N ASP A 212 11.64 13.52 -7.15
CA ASP A 212 12.71 14.49 -7.44
C ASP A 212 12.87 14.63 -8.95
N ALA A 213 12.51 13.58 -9.68
CA ALA A 213 12.58 13.59 -11.13
C ALA A 213 11.51 12.65 -11.69
N VAL A 214 11.05 12.91 -12.91
CA VAL A 214 10.03 12.08 -13.55
C VAL A 214 10.46 11.65 -14.95
N GLY A 215 10.29 10.36 -15.25
CA GLY A 215 10.65 9.82 -16.55
C GLY A 215 9.70 8.70 -16.93
N MET A 216 9.86 8.11 -18.12
CA MET A 216 8.94 7.08 -18.55
C MET A 216 9.56 5.68 -18.67
N SER A 217 10.55 5.38 -17.84
CA SER A 217 11.21 4.09 -17.92
C SER A 217 11.89 3.71 -16.64
N THR A 218 12.83 2.78 -16.77
CA THR A 218 13.69 2.35 -15.67
C THR A 218 13.10 1.59 -14.48
N ALA A 219 12.05 2.13 -13.87
CA ALA A 219 11.48 1.51 -12.69
C ALA A 219 11.01 0.07 -12.95
N PRO A 220 10.25 -0.16 -14.04
CA PRO A 220 9.80 -1.52 -14.31
C PRO A 220 10.99 -2.44 -14.56
N GLU A 221 12.05 -1.90 -15.16
CA GLU A 221 13.25 -2.69 -15.45
C GLU A 221 13.98 -3.10 -14.17
N THR A 222 14.03 -2.21 -13.19
CA THR A 222 14.74 -2.55 -11.97
C THR A 222 13.90 -3.46 -11.09
N ILE A 223 12.58 -3.40 -11.27
CA ILE A 223 11.66 -4.27 -10.52
C ILE A 223 11.99 -5.70 -10.94
N VAL A 224 12.09 -5.88 -12.25
CA VAL A 224 12.40 -7.18 -12.83
C VAL A 224 13.83 -7.65 -12.55
N ALA A 225 14.79 -6.75 -12.67
CA ALA A 225 16.19 -7.13 -12.41
C ALA A 225 16.34 -7.56 -10.95
N LYS A 226 15.81 -6.75 -10.05
CA LYS A 226 15.85 -7.01 -8.63
C LYS A 226 15.25 -8.38 -8.29
N HIS A 227 14.14 -8.68 -8.94
CA HIS A 227 13.41 -9.92 -8.74
C HIS A 227 14.26 -11.06 -9.24
N GLY A 228 15.05 -10.79 -10.28
CA GLY A 228 15.91 -11.79 -10.88
C GLY A 228 17.24 -11.90 -10.16
N GLY A 229 17.30 -11.37 -8.94
CA GLY A 229 18.53 -11.45 -8.14
C GLY A 229 19.68 -10.57 -8.56
N MET A 230 19.45 -9.59 -9.42
CA MET A 230 20.52 -8.72 -9.85
C MET A 230 20.58 -7.43 -9.02
N ARG A 231 21.75 -6.82 -8.94
CA ARG A 231 21.94 -5.57 -8.21
C ARG A 231 21.80 -4.42 -9.20
N CYS A 232 21.08 -3.38 -8.78
CA CYS A 232 20.85 -2.24 -9.66
C CYS A 232 21.38 -0.90 -9.22
N LEU A 233 21.77 -0.13 -10.24
CA LEU A 233 22.24 1.23 -10.09
C LEU A 233 21.62 1.96 -11.28
N ALA A 234 20.99 3.10 -11.01
CA ALA A 234 20.36 3.87 -12.05
C ALA A 234 20.75 5.33 -11.85
N VAL A 235 21.05 6.01 -12.95
CA VAL A 235 21.46 7.41 -12.92
C VAL A 235 20.71 8.18 -13.98
N SER A 236 20.01 9.22 -13.57
CA SER A 236 19.24 10.01 -14.52
C SER A 236 19.95 11.28 -14.91
N LEU A 237 19.91 11.57 -16.20
CA LEU A 237 20.48 12.79 -16.74
C LEU A 237 19.29 13.75 -16.63
N ILE A 238 19.42 14.81 -15.84
CA ILE A 238 18.33 15.75 -15.73
C ILE A 238 18.40 16.62 -17.00
N SER A 239 17.67 16.23 -18.04
CA SER A 239 17.68 16.95 -19.31
C SER A 239 16.97 18.28 -19.29
N ASN A 240 15.99 18.43 -18.41
CA ASN A 240 15.25 19.68 -18.28
C ASN A 240 14.73 19.74 -16.86
N VAL A 241 14.23 20.90 -16.47
CA VAL A 241 13.73 21.07 -15.11
C VAL A 241 12.43 21.85 -15.15
N ILE A 242 11.56 21.49 -14.25
CA ILE A 242 10.25 22.08 -14.20
C ILE A 242 10.28 23.19 -13.18
N ALA A 243 9.72 24.34 -13.52
CA ALA A 243 9.71 25.47 -12.60
C ALA A 243 8.80 25.22 -11.39
N SER A 244 8.88 26.11 -10.41
CA SER A 244 8.07 25.97 -9.20
C SER A 244 6.58 25.89 -9.48
N ASN A 245 6.11 26.58 -10.51
CA ASN A 245 4.68 26.57 -10.84
C ASN A 245 4.26 25.27 -11.53
N CYS A 246 5.22 24.37 -11.71
CA CYS A 246 5.00 23.09 -12.33
C CYS A 246 4.72 23.09 -13.83
N GLU A 247 5.54 23.81 -14.59
CA GLU A 247 5.38 23.88 -16.05
C GLU A 247 6.72 23.61 -16.75
N ALA A 260 25.33 20.63 -25.49
CA ALA A 260 24.25 20.13 -24.62
C ALA A 260 24.30 18.59 -24.39
N GLY A 261 23.53 17.84 -25.19
CA GLY A 261 23.50 16.38 -25.09
C GLY A 261 24.85 15.69 -25.20
N GLU A 262 25.76 16.24 -26.01
CA GLU A 262 27.07 15.62 -26.17
C GLU A 262 27.94 15.71 -24.91
N GLU A 263 27.83 16.81 -24.17
CA GLU A 263 28.59 16.95 -22.94
C GLU A 263 28.01 16.00 -21.92
N ALA A 264 26.68 15.90 -21.91
CA ALA A 264 26.01 15.00 -21.00
C ALA A 264 26.53 13.59 -21.27
N SER A 265 26.54 13.22 -22.55
CA SER A 265 27.00 11.91 -22.96
C SER A 265 28.42 11.60 -22.48
N ALA A 266 29.32 12.56 -22.65
CA ALA A 266 30.70 12.40 -22.24
C ALA A 266 30.79 12.17 -20.72
N ARG A 267 30.15 13.06 -19.96
CA ARG A 267 30.17 12.97 -18.50
C ARG A 267 29.59 11.66 -18.00
N MET A 268 28.44 11.27 -18.55
CA MET A 268 27.79 10.03 -18.14
C MET A 268 28.71 8.83 -18.44
N THR A 269 29.29 8.83 -19.63
CA THR A 269 30.19 7.74 -20.03
C THR A 269 31.36 7.60 -19.06
N ALA A 270 31.95 8.73 -18.67
CA ALA A 270 33.07 8.72 -17.75
C ALA A 270 32.60 8.16 -16.39
N LEU A 271 31.46 8.65 -15.90
CA LEU A 271 30.94 8.22 -14.62
C LEU A 271 30.69 6.71 -14.60
N VAL A 272 30.04 6.20 -15.64
CA VAL A 272 29.78 4.77 -15.67
C VAL A 272 31.09 3.96 -15.69
N LYS A 273 32.06 4.40 -16.48
CA LYS A 273 33.32 3.67 -16.55
C LYS A 273 33.99 3.63 -15.18
N LEU A 274 34.09 4.77 -14.53
CA LEU A 274 34.73 4.83 -13.23
C LEU A 274 33.98 3.94 -12.22
N VAL A 275 32.66 3.88 -12.35
CA VAL A 275 31.87 3.06 -11.43
C VAL A 275 32.12 1.58 -11.72
N ILE A 276 32.30 1.24 -12.98
CA ILE A 276 32.57 -0.14 -13.29
C ILE A 276 33.95 -0.52 -12.77
N GLU A 277 34.87 0.45 -12.73
CA GLU A 277 36.20 0.14 -12.22
C GLU A 277 36.11 -0.18 -10.74
N LYS A 278 35.37 0.62 -9.97
CA LYS A 278 35.21 0.38 -8.54
C LYS A 278 34.49 -0.94 -8.27
N ILE A 279 33.65 -1.36 -9.21
CA ILE A 279 32.93 -2.62 -9.07
C ILE A 279 33.83 -3.82 -9.24
N ARG A 280 34.79 -3.71 -10.15
CA ARG A 280 35.71 -4.82 -10.41
C ARG A 280 36.59 -5.19 -9.21
N GLY A 281 36.88 -4.17 -8.39
CA GLY A 281 37.72 -4.35 -7.22
C GLY A 281 36.94 -4.70 -5.98
N GLU A 282 35.69 -5.11 -6.16
CA GLU A 282 34.84 -5.47 -5.05
C GLU A 282 34.94 -6.96 -4.71
N LEU A 283 34.30 -7.32 -3.60
CA LEU A 283 34.22 -8.68 -3.04
C LEU A 283 34.85 -8.64 -1.65
N MET B 1 -1.50 0.25 -41.49
CA MET B 1 -2.42 1.41 -41.40
C MET B 1 -2.60 1.81 -39.94
N THR B 2 -2.07 2.99 -39.60
CA THR B 2 -2.13 3.55 -38.25
C THR B 2 -3.47 4.24 -37.97
N ASP B 3 -3.77 4.49 -36.70
CA ASP B 3 -5.03 5.13 -36.36
C ASP B 3 -5.20 6.44 -37.10
N TYR B 4 -4.12 7.22 -37.22
CA TYR B 4 -4.23 8.46 -37.93
C TYR B 4 -4.58 8.19 -39.39
N ASP B 5 -4.03 7.12 -39.98
CA ASP B 5 -4.37 6.77 -41.36
C ASP B 5 -5.84 6.39 -41.46
N LEU B 6 -6.36 5.66 -40.47
CA LEU B 6 -7.77 5.28 -40.49
C LEU B 6 -8.66 6.50 -40.26
N ALA B 7 -8.16 7.45 -39.47
CA ALA B 7 -8.90 8.69 -39.19
C ALA B 7 -9.05 9.47 -40.48
N LYS B 8 -7.96 9.56 -41.25
CA LYS B 8 -8.00 10.27 -42.53
C LYS B 8 -9.02 9.61 -43.48
N GLU B 9 -9.04 8.28 -43.50
CA GLU B 9 -9.96 7.55 -44.36
C GLU B 9 -11.38 7.87 -43.92
N THR B 10 -11.64 7.74 -42.61
CA THR B 10 -12.95 8.05 -42.08
C THR B 10 -13.34 9.47 -42.44
N ALA B 11 -12.39 10.40 -42.33
CA ALA B 11 -12.68 11.79 -42.66
C ALA B 11 -13.02 11.94 -44.14
N ALA B 12 -12.19 11.35 -45.01
CA ALA B 12 -12.43 11.43 -46.44
C ALA B 12 -13.81 10.91 -46.79
N TRP B 13 -14.28 9.91 -46.04
CA TRP B 13 -15.59 9.33 -46.31
C TRP B 13 -16.70 10.27 -45.88
N LEU B 14 -16.47 11.00 -44.80
CA LEU B 14 -17.47 11.93 -44.32
C LEU B 14 -17.47 13.14 -45.24
N ASN B 15 -16.28 13.54 -45.68
CA ASN B 15 -16.15 14.70 -46.55
C ASN B 15 -16.95 14.57 -47.83
N LYS B 16 -17.13 13.36 -48.31
CA LYS B 16 -17.88 13.15 -49.53
C LYS B 16 -19.26 13.80 -49.43
N GLN B 17 -19.79 13.87 -48.21
CA GLN B 17 -21.11 14.42 -48.00
C GLN B 17 -21.15 15.85 -47.48
N LEU B 18 -20.02 16.56 -47.57
CA LEU B 18 -19.96 17.92 -47.06
C LEU B 18 -19.60 19.00 -48.07
N GLN B 19 -20.25 20.15 -47.93
CA GLN B 19 -20.00 21.29 -48.81
C GLN B 19 -18.88 22.13 -48.23
N ILE B 20 -18.91 22.28 -46.90
CA ILE B 20 -17.88 23.06 -46.19
C ILE B 20 -17.29 22.18 -45.09
N ARG B 21 -15.96 22.11 -45.05
CA ARG B 21 -15.34 21.31 -44.02
C ARG B 21 -15.53 22.06 -42.70
N PRO B 22 -15.84 21.31 -41.63
CA PRO B 22 -16.05 21.93 -40.31
C PRO B 22 -14.74 22.51 -39.80
N VAL B 23 -14.82 23.65 -39.12
CA VAL B 23 -13.62 24.28 -38.58
C VAL B 23 -13.67 24.23 -37.03
N LEU B 24 -14.88 24.09 -36.50
CA LEU B 24 -15.06 23.98 -35.07
C LEU B 24 -15.78 22.67 -34.73
N GLY B 25 -15.30 22.01 -33.68
CA GLY B 25 -15.92 20.76 -33.26
C GLY B 25 -16.57 20.83 -31.89
N ILE B 26 -17.61 20.05 -31.69
CA ILE B 26 -18.31 20.03 -30.41
C ILE B 26 -18.54 18.57 -29.99
N VAL B 27 -18.31 18.28 -28.71
CA VAL B 27 -18.53 16.94 -28.16
C VAL B 27 -19.58 17.14 -27.06
N CYS B 28 -20.76 16.53 -27.22
CA CYS B 28 -21.80 16.66 -26.20
C CYS B 28 -21.69 15.58 -25.12
N GLY B 29 -21.60 16.02 -23.87
CA GLY B 29 -21.52 15.08 -22.78
C GLY B 29 -22.85 14.48 -22.42
N SER B 30 -22.94 13.88 -21.23
CA SER B 30 -24.18 13.26 -20.80
C SER B 30 -25.35 14.24 -20.61
N GLY B 31 -26.45 13.95 -21.32
CA GLY B 31 -27.64 14.78 -21.25
C GLY B 31 -27.52 16.14 -21.93
N LEU B 32 -26.40 16.36 -22.62
CA LEU B 32 -26.18 17.64 -23.28
C LEU B 32 -26.35 17.55 -24.81
N GLY B 33 -27.10 16.56 -25.25
CA GLY B 33 -27.34 16.37 -26.67
C GLY B 33 -28.01 17.55 -27.36
N LYS B 34 -29.03 18.11 -26.73
CA LYS B 34 -29.77 19.24 -27.30
C LYS B 34 -28.86 20.27 -27.97
N ILE B 35 -27.62 20.38 -27.51
CA ILE B 35 -26.69 21.34 -28.07
C ILE B 35 -26.63 21.21 -29.58
N GLY B 36 -26.78 19.98 -30.07
CA GLY B 36 -26.71 19.70 -31.49
C GLY B 36 -27.79 20.30 -32.35
N ASP B 37 -28.98 20.48 -31.80
CA ASP B 37 -30.09 21.05 -32.53
C ASP B 37 -29.74 22.46 -32.95
N SER B 38 -28.70 23.02 -32.34
CA SER B 38 -28.28 24.36 -32.66
C SER B 38 -27.61 24.51 -34.03
N LEU B 39 -27.26 23.40 -34.66
CA LEU B 39 -26.64 23.49 -35.97
C LEU B 39 -27.66 23.66 -37.08
N GLU B 40 -27.41 24.64 -37.94
CA GLU B 40 -28.31 24.97 -39.04
C GLU B 40 -27.88 24.30 -40.34
N THR B 41 -28.87 24.00 -41.19
CA THR B 41 -28.62 23.36 -42.49
C THR B 41 -27.75 22.14 -42.22
N SER B 42 -28.24 21.32 -41.30
CA SER B 42 -27.48 20.16 -40.87
C SER B 42 -27.67 18.83 -41.56
N ILE B 43 -26.55 18.13 -41.70
CA ILE B 43 -26.52 16.80 -42.26
C ILE B 43 -26.23 15.93 -41.03
N THR B 44 -26.91 14.80 -40.92
CA THR B 44 -26.69 13.94 -39.78
C THR B 44 -26.23 12.55 -40.19
N VAL B 45 -25.18 12.06 -39.53
CA VAL B 45 -24.65 10.74 -39.83
C VAL B 45 -24.55 9.93 -38.55
N ALA B 46 -25.33 8.86 -38.46
CA ALA B 46 -25.31 7.99 -37.29
C ALA B 46 -23.92 7.41 -37.12
N TYR B 47 -23.48 7.24 -35.88
CA TYR B 47 -22.15 6.67 -35.64
C TYR B 47 -22.05 5.26 -36.28
N SER B 48 -23.15 4.53 -36.22
CA SER B 48 -23.21 3.18 -36.74
C SER B 48 -22.88 3.04 -38.23
N ASP B 49 -23.06 4.12 -38.99
CA ASP B 49 -22.78 4.08 -40.42
C ASP B 49 -21.39 4.62 -40.71
N ILE B 50 -20.74 5.20 -39.71
CA ILE B 50 -19.42 5.73 -39.94
C ILE B 50 -18.33 4.68 -39.81
N PRO B 51 -17.51 4.57 -40.85
CA PRO B 51 -16.38 3.65 -40.96
C PRO B 51 -15.35 3.88 -39.86
N ASN B 52 -14.91 2.81 -39.21
CA ASN B 52 -13.90 2.89 -38.16
C ASN B 52 -14.36 3.43 -36.81
N PHE B 53 -15.55 4.02 -36.73
CA PHE B 53 -16.06 4.56 -35.46
C PHE B 53 -16.41 3.43 -34.50
N PRO B 54 -16.04 3.57 -33.22
CA PRO B 54 -16.37 2.49 -32.28
C PRO B 54 -17.88 2.41 -32.15
N VAL B 55 -18.40 1.26 -31.74
CA VAL B 55 -19.83 1.08 -31.55
C VAL B 55 -20.13 1.34 -30.06
N GLY B 56 -21.36 1.70 -29.73
CA GLY B 56 -21.71 1.97 -28.34
C GLY B 56 -22.93 1.21 -27.84
N ALA B 62 -27.06 4.73 -31.13
CA ALA B 62 -27.63 5.81 -30.32
C ALA B 62 -26.94 7.13 -30.66
N GLY B 63 -25.65 7.08 -30.99
CA GLY B 63 -24.90 8.29 -31.29
C GLY B 63 -24.88 8.80 -32.73
N SER B 64 -24.77 10.11 -32.87
CA SER B 64 -24.73 10.67 -34.21
C SER B 64 -23.81 11.87 -34.30
N LEU B 65 -23.29 12.07 -35.50
CA LEU B 65 -22.38 13.17 -35.80
C LEU B 65 -23.20 14.16 -36.64
N ILE B 66 -23.21 15.42 -36.23
CA ILE B 66 -23.99 16.44 -36.92
C ILE B 66 -23.13 17.51 -37.56
N PHE B 67 -23.35 17.78 -38.84
CA PHE B 67 -22.58 18.83 -39.52
C PHE B 67 -23.50 19.97 -39.85
N GLY B 68 -23.09 21.19 -39.50
CA GLY B 68 -23.91 22.34 -39.75
C GLY B 68 -23.27 23.59 -39.23
N SER B 69 -23.96 24.71 -39.36
CA SER B 69 -23.39 25.97 -38.92
C SER B 69 -24.09 26.56 -37.71
N VAL B 70 -23.33 27.38 -36.99
CA VAL B 70 -23.83 28.08 -35.82
C VAL B 70 -23.15 29.43 -35.87
N ASN B 71 -23.94 30.49 -35.79
CA ASN B 71 -23.40 31.85 -35.83
C ASN B 71 -22.38 32.05 -36.97
N GLY B 72 -22.67 31.44 -38.12
CA GLY B 72 -21.81 31.57 -39.28
C GLY B 72 -20.56 30.70 -39.31
N VAL B 73 -20.46 29.79 -38.36
CA VAL B 73 -19.31 28.90 -38.25
C VAL B 73 -19.69 27.47 -38.62
N SER B 74 -18.94 26.84 -39.54
CA SER B 74 -19.24 25.45 -39.89
C SER B 74 -18.67 24.56 -38.78
N CYS B 75 -19.57 23.77 -38.20
CA CYS B 75 -19.20 22.89 -37.09
C CYS B 75 -19.57 21.44 -37.35
N VAL B 76 -18.91 20.57 -36.59
CA VAL B 76 -19.18 19.14 -36.58
C VAL B 76 -19.47 18.90 -35.09
N CYS B 77 -20.61 18.27 -34.79
CA CYS B 77 -20.99 18.03 -33.41
C CYS B 77 -21.21 16.56 -33.10
N MET B 78 -20.53 16.07 -32.06
CA MET B 78 -20.66 14.71 -31.60
C MET B 78 -21.80 14.65 -30.61
N LYS B 79 -22.87 13.91 -30.93
CA LYS B 79 -23.98 13.74 -30.01
C LYS B 79 -23.72 12.38 -29.35
N GLY B 80 -22.88 12.39 -28.31
CA GLY B 80 -22.55 11.17 -27.62
C GLY B 80 -21.07 10.96 -27.80
N ARG B 81 -20.38 10.44 -26.78
CA ARG B 81 -18.94 10.21 -26.90
C ARG B 81 -18.63 8.78 -26.45
N PHE B 82 -17.35 8.41 -26.41
CA PHE B 82 -16.95 7.07 -26.00
C PHE B 82 -16.11 7.18 -24.72
N HIS B 83 -16.27 6.22 -23.81
CA HIS B 83 -15.52 6.24 -22.54
C HIS B 83 -14.78 4.97 -22.26
N LEU B 84 -13.66 5.11 -21.55
CA LEU B 84 -12.88 3.94 -21.13
C LEU B 84 -13.73 2.90 -20.41
N TYR B 85 -14.67 3.33 -19.58
CA TYR B 85 -15.47 2.36 -18.83
C TYR B 85 -16.38 1.48 -19.68
N GLU B 86 -16.59 1.83 -20.96
CA GLU B 86 -17.44 0.98 -21.77
C GLU B 86 -16.63 -0.19 -22.30
N GLY B 87 -15.32 -0.11 -22.17
CA GLY B 87 -14.50 -1.20 -22.66
C GLY B 87 -13.53 -0.78 -23.76
N HIS B 88 -13.65 0.46 -24.23
CA HIS B 88 -12.76 0.94 -25.29
C HIS B 88 -11.42 1.27 -24.66
N THR B 89 -10.36 1.16 -25.46
CA THR B 89 -9.02 1.52 -25.02
C THR B 89 -9.00 3.05 -25.12
N ALA B 90 -8.02 3.66 -24.51
CA ALA B 90 -7.94 5.11 -24.53
C ALA B 90 -7.82 5.61 -25.97
N ALA B 91 -7.04 4.90 -26.77
CA ALA B 91 -6.84 5.26 -28.17
C ALA B 91 -8.15 5.12 -28.94
N ARG B 92 -8.83 4.02 -28.72
CA ARG B 92 -10.10 3.78 -29.39
C ARG B 92 -11.14 4.86 -29.05
N ALA B 93 -11.31 5.18 -27.77
CA ALA B 93 -12.32 6.16 -27.37
C ALA B 93 -11.96 7.56 -27.83
N THR B 94 -10.72 7.77 -28.21
CA THR B 94 -10.33 9.09 -28.66
C THR B 94 -10.12 9.14 -30.18
N PHE B 95 -10.64 8.12 -30.87
CA PHE B 95 -10.52 8.05 -32.32
C PHE B 95 -11.28 9.20 -32.98
N PRO B 96 -12.46 9.55 -32.45
CA PRO B 96 -13.21 10.67 -33.06
C PRO B 96 -12.42 11.99 -33.01
N MET B 97 -11.54 12.16 -32.02
CA MET B 97 -10.74 13.38 -31.97
C MET B 97 -9.73 13.39 -33.10
N ARG B 98 -9.21 12.22 -33.44
CA ARG B 98 -8.26 12.13 -34.54
C ARG B 98 -9.04 12.43 -35.83
N VAL B 99 -10.28 11.96 -35.90
CA VAL B 99 -11.12 12.22 -37.06
C VAL B 99 -11.38 13.74 -37.17
N PHE B 100 -11.75 14.37 -36.06
CA PHE B 100 -11.96 15.82 -36.05
C PHE B 100 -10.77 16.50 -36.69
N LYS B 101 -9.56 16.15 -36.27
CA LYS B 101 -8.37 16.75 -36.82
C LYS B 101 -8.28 16.55 -38.34
N ALA B 102 -8.47 15.29 -38.76
CA ALA B 102 -8.42 14.93 -40.17
C ALA B 102 -9.45 15.70 -40.98
N LEU B 103 -10.51 16.16 -40.34
CA LEU B 103 -11.57 16.92 -40.99
C LEU B 103 -11.19 18.38 -41.13
N GLY B 104 -10.11 18.78 -40.45
CA GLY B 104 -9.68 20.16 -40.51
C GLY B 104 -10.16 21.02 -39.35
N VAL B 105 -10.72 20.39 -38.31
CA VAL B 105 -11.17 21.16 -37.16
C VAL B 105 -10.00 21.84 -36.48
N LYS B 106 -10.21 23.08 -36.06
CA LYS B 106 -9.15 23.84 -35.40
C LYS B 106 -9.42 24.07 -33.93
N ILE B 107 -10.70 24.12 -33.57
CA ILE B 107 -11.09 24.33 -32.19
C ILE B 107 -12.12 23.28 -31.78
N VAL B 108 -11.96 22.73 -30.58
CA VAL B 108 -12.92 21.74 -30.11
C VAL B 108 -13.52 22.18 -28.76
N VAL B 109 -14.85 22.18 -28.67
CA VAL B 109 -15.55 22.57 -27.45
C VAL B 109 -16.18 21.28 -26.87
N LEU B 110 -15.69 20.86 -25.71
CA LEU B 110 -16.16 19.65 -25.04
C LEU B 110 -17.04 19.97 -23.83
N THR B 111 -18.04 19.14 -23.60
CA THR B 111 -18.92 19.31 -22.45
C THR B 111 -19.04 17.93 -21.78
N ASN B 112 -19.37 17.93 -20.50
CA ASN B 112 -19.57 16.68 -19.77
C ASN B 112 -20.35 16.98 -18.50
N ALA B 113 -20.83 15.92 -17.87
CA ALA B 113 -21.56 16.02 -16.62
C ALA B 113 -20.54 15.48 -15.62
N ALA B 114 -20.33 16.19 -14.51
CA ALA B 114 -19.37 15.75 -13.52
C ALA B 114 -19.84 15.97 -12.09
N GLY B 115 -19.15 15.34 -11.14
CA GLY B 115 -19.46 15.49 -9.74
C GLY B 115 -18.57 16.56 -9.15
N GLY B 116 -19.17 17.53 -8.48
CA GLY B 116 -18.38 18.59 -7.88
C GLY B 116 -17.77 18.21 -6.54
N LEU B 117 -16.50 18.54 -6.35
CA LEU B 117 -15.77 18.28 -5.13
C LEU B 117 -15.55 19.63 -4.44
N ASN B 118 -15.42 20.69 -5.23
CA ASN B 118 -15.19 22.03 -4.70
C ASN B 118 -16.36 22.47 -3.83
N PRO B 119 -16.07 22.83 -2.58
CA PRO B 119 -17.06 23.27 -1.57
C PRO B 119 -18.09 24.29 -2.03
N SER B 120 -17.71 25.16 -2.96
CA SER B 120 -18.64 26.20 -3.40
C SER B 120 -19.47 25.87 -4.64
N TYR B 121 -19.29 24.69 -5.21
CA TYR B 121 -20.06 24.31 -6.37
C TYR B 121 -21.40 23.82 -5.90
N ARG B 122 -22.41 24.01 -6.74
CA ARG B 122 -23.77 23.54 -6.44
C ARG B 122 -24.29 22.78 -7.67
N PRO B 123 -25.20 21.83 -7.44
CA PRO B 123 -25.72 21.11 -8.61
C PRO B 123 -26.36 22.12 -9.56
N GLY B 124 -26.01 22.05 -10.84
CA GLY B 124 -26.56 22.96 -11.82
C GLY B 124 -25.50 23.92 -12.31
N ASP B 125 -24.44 24.09 -11.51
CA ASP B 125 -23.36 25.00 -11.88
C ASP B 125 -22.57 24.49 -13.09
N PHE B 126 -21.76 25.39 -13.64
CA PHE B 126 -20.89 25.07 -14.76
C PHE B 126 -19.47 25.25 -14.29
N MET B 127 -18.57 24.36 -14.69
CA MET B 127 -17.16 24.53 -14.33
C MET B 127 -16.36 24.50 -15.61
N VAL B 128 -15.85 25.67 -15.97
CA VAL B 128 -15.03 25.81 -17.15
C VAL B 128 -13.72 25.15 -16.73
N VAL B 129 -13.16 24.29 -17.58
CA VAL B 129 -11.94 23.58 -17.23
C VAL B 129 -10.65 24.29 -17.52
N ARG B 130 -9.84 24.49 -16.48
CA ARG B 130 -8.58 25.18 -16.65
C ARG B 130 -7.42 24.20 -16.72
N ASP B 131 -7.64 23.01 -16.20
CA ASP B 131 -6.59 22.00 -16.21
C ASP B 131 -7.19 20.65 -15.83
N HIS B 132 -6.46 19.56 -16.04
CA HIS B 132 -7.01 18.25 -15.65
C HIS B 132 -5.97 17.36 -15.00
N ILE B 133 -6.49 16.28 -14.41
CA ILE B 133 -5.67 15.26 -13.76
C ILE B 133 -6.23 13.96 -14.37
N ASN B 134 -5.46 13.36 -15.26
CA ASN B 134 -5.88 12.13 -15.94
C ASN B 134 -5.22 10.89 -15.36
N LEU B 135 -5.84 10.34 -14.33
CA LEU B 135 -5.26 9.16 -13.68
C LEU B 135 -5.02 7.95 -14.60
N PRO B 136 -6.00 7.58 -15.43
CA PRO B 136 -5.73 6.42 -16.31
C PRO B 136 -4.53 6.65 -17.23
N GLY B 137 -4.35 7.90 -17.66
CA GLY B 137 -3.27 8.21 -18.58
C GLY B 137 -1.88 8.23 -17.93
N LEU B 138 -1.84 8.28 -16.60
CA LEU B 138 -0.56 8.25 -15.92
C LEU B 138 -0.17 6.81 -15.69
N ALA B 139 -1.13 5.91 -15.73
CA ALA B 139 -0.81 4.52 -15.42
C ALA B 139 -1.30 3.40 -16.30
N GLY B 140 -0.92 3.37 -17.57
CA GLY B 140 -1.34 2.24 -18.40
C GLY B 140 -2.57 2.37 -19.30
N ALA B 141 -3.12 3.56 -19.42
CA ALA B 141 -4.24 3.75 -20.33
C ALA B 141 -4.18 5.18 -20.86
N ASN B 142 -3.07 5.49 -21.50
CA ASN B 142 -2.82 6.79 -22.11
C ASN B 142 -3.30 6.70 -23.56
N PRO B 143 -4.10 7.65 -24.01
CA PRO B 143 -4.63 7.66 -25.38
C PRO B 143 -3.60 7.77 -26.52
N LEU B 144 -2.39 8.15 -26.20
CA LEU B 144 -1.34 8.27 -27.19
C LEU B 144 -0.43 7.07 -27.14
N THR B 145 -0.65 6.17 -26.19
CA THR B 145 0.21 4.99 -26.14
C THR B 145 0.19 4.27 -27.48
N GLY B 146 1.38 3.89 -27.95
CA GLY B 146 1.53 3.21 -29.23
C GLY B 146 2.46 3.95 -30.16
N PRO B 147 2.56 3.56 -31.44
CA PRO B 147 3.45 4.27 -32.37
C PRO B 147 2.93 5.67 -32.68
N ASN B 148 3.85 6.59 -32.92
CA ASN B 148 3.49 7.97 -33.20
C ASN B 148 3.93 8.45 -34.61
N ASP B 149 3.00 9.04 -35.34
CA ASP B 149 3.26 9.56 -36.67
C ASP B 149 3.92 10.94 -36.47
N ASP B 150 5.24 11.01 -36.60
CA ASP B 150 5.95 12.28 -36.39
C ASP B 150 5.47 13.45 -37.25
N THR B 151 4.60 13.17 -38.21
CA THR B 151 4.07 14.20 -39.11
C THR B 151 2.68 14.63 -38.65
N GLU B 152 2.11 13.88 -37.71
CA GLU B 152 0.78 14.20 -37.18
C GLU B 152 0.93 14.98 -35.87
N GLY B 153 2.02 14.74 -35.16
CA GLY B 153 2.26 15.40 -33.90
C GLY B 153 3.53 14.93 -33.20
N GLU B 154 3.86 15.58 -32.09
CA GLU B 154 5.05 15.24 -31.33
C GLU B 154 4.93 13.87 -30.67
N ARG B 155 6.07 13.22 -30.47
CA ARG B 155 6.10 11.92 -29.82
C ARG B 155 5.74 12.17 -28.35
N PHE B 156 6.37 13.18 -27.78
CA PHE B 156 6.18 13.57 -26.38
C PHE B 156 5.56 14.97 -26.32
N PRO B 157 4.26 15.08 -26.63
CA PRO B 157 3.52 16.34 -26.62
C PRO B 157 3.40 16.98 -25.25
N SER B 158 3.57 18.29 -25.20
CA SER B 158 3.45 19.02 -23.95
C SER B 158 1.98 19.17 -23.60
N MET B 159 1.68 19.01 -22.32
CA MET B 159 0.33 19.13 -21.81
C MET B 159 0.29 20.30 -20.82
N THR B 160 1.22 21.24 -20.96
CA THR B 160 1.27 22.37 -20.05
C THR B 160 0.10 23.32 -20.19
N SER B 161 -0.48 23.43 -21.39
CA SER B 161 -1.63 24.30 -21.61
C SER B 161 -2.70 23.63 -22.45
N VAL B 162 -3.23 22.52 -21.97
CA VAL B 162 -4.27 21.80 -22.70
C VAL B 162 -5.48 22.67 -22.97
N TYR B 163 -5.87 23.47 -21.97
CA TYR B 163 -7.06 24.32 -22.09
C TYR B 163 -6.74 25.78 -22.43
N ASP B 164 -6.95 26.12 -23.70
CA ASP B 164 -6.69 27.44 -24.24
C ASP B 164 -7.15 28.60 -23.33
N LYS B 165 -6.19 29.40 -22.88
CA LYS B 165 -6.51 30.51 -21.98
C LYS B 165 -7.50 31.49 -22.59
N THR B 166 -7.37 31.74 -23.89
CA THR B 166 -8.29 32.63 -24.60
C THR B 166 -9.70 32.08 -24.66
N LEU B 167 -9.84 30.80 -25.05
CA LEU B 167 -11.17 30.22 -25.13
C LEU B 167 -11.84 30.24 -23.75
N ARG B 168 -11.05 30.08 -22.69
CA ARG B 168 -11.59 30.12 -21.35
C ARG B 168 -12.16 31.51 -21.08
N LYS B 169 -11.39 32.55 -21.41
CA LYS B 169 -11.86 33.92 -21.20
C LYS B 169 -13.17 34.11 -21.91
N TYR B 170 -13.26 33.64 -23.14
CA TYR B 170 -14.51 33.78 -23.87
C TYR B 170 -15.64 33.09 -23.12
N ALA B 171 -15.37 31.90 -22.59
CA ALA B 171 -16.40 31.17 -21.88
C ALA B 171 -16.86 31.88 -20.60
N ILE B 172 -15.91 32.34 -19.79
CA ILE B 172 -16.22 33.05 -18.56
C ILE B 172 -17.06 34.30 -18.84
N SER B 173 -16.63 35.07 -19.82
CA SER B 173 -17.29 36.30 -20.24
C SER B 173 -18.68 36.01 -20.82
N ALA B 174 -18.78 34.92 -21.57
CA ALA B 174 -20.06 34.56 -22.15
C ALA B 174 -21.05 34.20 -21.07
N ALA B 175 -20.52 33.61 -20.00
CA ALA B 175 -21.34 33.21 -18.85
C ALA B 175 -21.84 34.47 -18.18
N ARG B 176 -20.94 35.41 -17.91
CA ARG B 176 -21.31 36.68 -17.30
C ARG B 176 -22.41 37.30 -18.14
N GLU B 177 -22.10 37.48 -19.42
CA GLU B 177 -23.01 38.06 -20.39
C GLU B 177 -24.39 37.40 -20.38
N LEU B 178 -24.45 36.11 -20.08
CA LEU B 178 -25.74 35.41 -20.06
C LEU B 178 -26.38 35.42 -18.68
N GLY B 179 -25.70 36.02 -17.70
CA GLY B 179 -26.24 36.10 -16.36
C GLY B 179 -26.01 34.87 -15.50
N MET B 180 -24.94 34.13 -15.77
CA MET B 180 -24.63 32.89 -15.04
C MET B 180 -23.30 32.99 -14.32
N SER B 181 -22.78 34.20 -14.19
CA SER B 181 -21.49 34.35 -13.55
C SER B 181 -21.39 33.77 -12.14
N TYR B 182 -22.49 33.75 -11.41
CA TYR B 182 -22.46 33.25 -10.04
C TYR B 182 -22.50 31.73 -9.96
N ALA B 183 -22.90 31.11 -11.06
CA ALA B 183 -23.05 29.66 -11.19
C ALA B 183 -21.99 29.06 -12.10
N THR B 184 -21.03 29.89 -12.51
CA THR B 184 -19.98 29.42 -13.39
C THR B 184 -18.65 29.57 -12.71
N HIS B 185 -17.89 28.49 -12.68
CA HIS B 185 -16.59 28.50 -12.04
C HIS B 185 -15.51 28.12 -13.06
N GLU B 186 -14.27 28.11 -12.59
CA GLU B 186 -13.13 27.73 -13.40
C GLU B 186 -12.29 26.86 -12.49
N GLY B 187 -12.10 25.60 -12.87
CA GLY B 187 -11.34 24.70 -12.02
C GLY B 187 -10.68 23.50 -12.67
N VAL B 188 -10.19 22.61 -11.81
CA VAL B 188 -9.48 21.43 -12.24
C VAL B 188 -10.36 20.19 -12.38
N TYR B 189 -10.32 19.55 -13.56
CA TYR B 189 -11.14 18.34 -13.82
C TYR B 189 -10.32 17.08 -13.60
N CYS B 190 -10.78 16.21 -12.72
CA CYS B 190 -10.05 14.96 -12.49
C CYS B 190 -10.76 13.83 -13.22
N CYS B 191 -10.02 13.16 -14.10
CA CYS B 191 -10.58 12.06 -14.87
C CYS B 191 -10.20 10.70 -14.28
N VAL B 192 -11.20 9.86 -14.07
CA VAL B 192 -10.97 8.50 -13.55
C VAL B 192 -11.59 7.50 -14.51
N ASN B 193 -11.22 6.24 -14.39
CA ASN B 193 -11.75 5.23 -15.28
C ASN B 193 -13.25 4.99 -15.22
N GLY B 194 -13.79 4.88 -14.01
CA GLY B 194 -15.20 4.57 -13.88
C GLY B 194 -15.34 3.04 -14.10
N PRO B 195 -16.57 2.52 -14.20
CA PRO B 195 -17.83 3.24 -14.12
C PRO B 195 -18.34 3.38 -12.68
N SER B 196 -17.69 2.73 -11.72
CA SER B 196 -18.13 2.83 -10.33
C SER B 196 -17.67 4.18 -9.77
N PHE B 197 -18.51 4.79 -8.96
CA PHE B 197 -18.16 6.06 -8.35
C PHE B 197 -17.13 5.73 -7.29
N GLU B 198 -16.38 6.73 -6.87
CA GLU B 198 -15.34 6.47 -5.89
C GLU B 198 -15.78 6.32 -4.43
N THR B 199 -14.98 5.60 -3.65
CA THR B 199 -15.30 5.44 -2.25
C THR B 199 -14.97 6.75 -1.56
N PRO B 200 -15.48 6.94 -0.32
CA PRO B 200 -15.17 8.18 0.39
C PRO B 200 -13.66 8.33 0.56
N ALA B 201 -12.99 7.23 0.86
CA ALA B 201 -11.55 7.29 1.02
C ALA B 201 -10.84 7.69 -0.30
N GLU B 202 -11.41 7.29 -1.44
CA GLU B 202 -10.80 7.65 -2.74
C GLU B 202 -11.08 9.12 -3.03
N CYS B 203 -12.28 9.57 -2.70
CA CYS B 203 -12.72 10.94 -2.90
C CYS B 203 -11.77 11.86 -2.13
N LYS B 204 -11.39 11.43 -0.94
CA LYS B 204 -10.46 12.21 -0.15
C LYS B 204 -9.16 12.36 -0.89
N ILE B 205 -8.67 11.29 -1.48
CA ILE B 205 -7.42 11.37 -2.22
C ILE B 205 -7.55 12.34 -3.40
N LEU B 206 -8.70 12.32 -4.07
CA LEU B 206 -8.92 13.20 -5.19
C LEU B 206 -8.89 14.67 -4.76
N ARG B 207 -9.37 14.94 -3.54
CA ARG B 207 -9.37 16.30 -3.02
C ARG B 207 -7.96 16.67 -2.68
N LEU B 208 -7.25 15.73 -2.09
CA LEU B 208 -5.86 15.98 -1.74
C LEU B 208 -5.07 16.27 -3.04
N MET B 209 -5.53 15.76 -4.19
CA MET B 209 -4.78 16.04 -5.44
C MET B 209 -5.14 17.39 -6.06
N GLY B 210 -6.11 18.07 -5.47
CA GLY B 210 -6.50 19.37 -6.00
C GLY B 210 -7.62 19.32 -7.03
N SER B 211 -8.48 18.31 -6.97
CA SER B 211 -9.57 18.21 -7.93
C SER B 211 -10.76 19.06 -7.52
N ASP B 212 -11.37 19.74 -8.49
CA ASP B 212 -12.54 20.55 -8.24
C ASP B 212 -13.78 19.78 -8.65
N ALA B 213 -13.62 18.87 -9.59
CA ALA B 213 -14.73 18.05 -10.08
C ALA B 213 -14.14 16.75 -10.62
N VAL B 214 -14.95 15.69 -10.64
CA VAL B 214 -14.49 14.38 -11.12
C VAL B 214 -15.48 13.79 -12.11
N GLY B 215 -14.94 13.26 -13.20
CA GLY B 215 -15.78 12.63 -14.21
C GLY B 215 -15.02 11.49 -14.91
N MET B 216 -15.65 10.82 -15.86
CA MET B 216 -14.98 9.71 -16.49
C MET B 216 -14.67 9.89 -17.98
N SER B 217 -14.39 11.14 -18.38
CA SER B 217 -14.10 11.42 -19.79
C SER B 217 -13.32 12.69 -19.99
N THR B 218 -13.47 13.26 -21.18
CA THR B 218 -12.83 14.53 -21.56
C THR B 218 -11.31 14.66 -21.58
N ALA B 219 -10.64 14.28 -20.49
CA ALA B 219 -9.19 14.42 -20.42
C ALA B 219 -8.44 13.69 -21.52
N PRO B 220 -8.74 12.40 -21.76
CA PRO B 220 -8.00 11.72 -22.82
C PRO B 220 -8.31 12.34 -24.17
N GLU B 221 -9.52 12.87 -24.34
CA GLU B 221 -9.87 13.49 -25.61
C GLU B 221 -9.10 14.80 -25.84
N THR B 222 -8.91 15.60 -24.80
CA THR B 222 -8.16 16.85 -24.97
C THR B 222 -6.67 16.58 -25.11
N ILE B 223 -6.21 15.46 -24.56
CA ILE B 223 -4.79 15.15 -24.72
C ILE B 223 -4.53 14.90 -26.20
N VAL B 224 -5.42 14.15 -26.84
CA VAL B 224 -5.28 13.81 -28.24
C VAL B 224 -5.54 15.03 -29.13
N ALA B 225 -6.56 15.81 -28.82
CA ALA B 225 -6.88 17.01 -29.57
C ALA B 225 -5.66 17.95 -29.58
N LYS B 226 -5.14 18.21 -28.38
CA LYS B 226 -4.01 19.11 -28.20
C LYS B 226 -2.81 18.62 -28.99
N HIS B 227 -2.60 17.32 -28.96
CA HIS B 227 -1.50 16.71 -29.66
C HIS B 227 -1.69 16.88 -31.16
N GLY B 228 -2.95 16.92 -31.60
CA GLY B 228 -3.26 17.07 -33.01
C GLY B 228 -3.34 18.52 -33.43
N GLY B 229 -2.75 19.40 -32.64
CA GLY B 229 -2.74 20.82 -32.94
C GLY B 229 -4.05 21.57 -32.79
N MET B 230 -5.05 20.99 -32.16
CA MET B 230 -6.32 21.72 -32.02
C MET B 230 -6.38 22.41 -30.67
N ARG B 231 -7.20 23.46 -30.61
CA ARG B 231 -7.35 24.21 -29.37
C ARG B 231 -8.57 23.68 -28.64
N CYS B 232 -8.47 23.54 -27.33
CA CYS B 232 -9.57 23.00 -26.53
C CYS B 232 -10.21 23.87 -25.47
N LEU B 233 -11.51 23.69 -25.34
CA LEU B 233 -12.30 24.36 -24.32
C LEU B 233 -13.22 23.24 -23.82
N ALA B 234 -13.30 23.10 -22.50
CA ALA B 234 -14.16 22.08 -21.92
C ALA B 234 -14.96 22.70 -20.78
N VAL B 235 -16.26 22.42 -20.76
CA VAL B 235 -17.14 22.94 -19.72
C VAL B 235 -17.89 21.76 -19.05
N SER B 236 -17.75 21.61 -17.74
CA SER B 236 -18.46 20.56 -17.01
C SER B 236 -19.74 21.09 -16.38
N LEU B 237 -20.81 20.32 -16.50
CA LEU B 237 -22.07 20.66 -15.88
C LEU B 237 -21.94 19.91 -14.54
N ILE B 238 -21.96 20.64 -13.42
CA ILE B 238 -21.85 19.98 -12.12
C ILE B 238 -23.21 19.41 -11.82
N SER B 239 -23.44 18.16 -12.21
CA SER B 239 -24.73 17.53 -12.01
C SER B 239 -25.07 17.18 -10.55
N ASN B 240 -24.04 16.98 -9.73
CA ASN B 240 -24.23 16.65 -8.32
C ASN B 240 -22.97 17.13 -7.62
N VAL B 241 -23.04 17.21 -6.29
CA VAL B 241 -21.92 17.67 -5.48
C VAL B 241 -21.71 16.73 -4.32
N ILE B 242 -20.45 16.54 -3.96
CA ILE B 242 -20.07 15.64 -2.89
C ILE B 242 -19.94 16.46 -1.63
N ALA B 243 -20.50 15.98 -0.53
CA ALA B 243 -20.41 16.72 0.73
C ALA B 243 -18.97 16.71 1.26
N SER B 244 -18.74 17.50 2.30
CA SER B 244 -17.42 17.60 2.89
C SER B 244 -16.87 16.27 3.39
N ASN B 245 -17.73 15.36 3.84
CA ASN B 245 -17.29 14.05 4.33
C ASN B 245 -16.92 13.10 3.19
N CYS B 246 -17.06 13.61 1.95
CA CYS B 246 -16.74 12.89 0.74
C CYS B 246 -17.69 11.72 0.38
N GLU B 247 -19.00 11.98 0.40
CA GLU B 247 -19.99 10.96 0.04
C GLU B 247 -21.00 11.54 -0.95
N GLU B 256 -38.85 14.89 -12.00
CA GLU B 256 -37.92 14.63 -10.91
C GLU B 256 -36.55 15.23 -11.27
N VAL B 257 -35.65 14.34 -11.69
CA VAL B 257 -34.29 14.69 -12.10
C VAL B 257 -34.31 15.50 -13.39
N LEU B 258 -35.38 15.30 -14.18
CA LEU B 258 -35.54 15.97 -15.47
C LEU B 258 -35.64 17.49 -15.31
N ARG B 259 -36.27 17.94 -14.23
CA ARG B 259 -36.41 19.36 -14.01
C ARG B 259 -35.06 20.02 -14.21
N ALA B 260 -34.05 19.44 -13.55
CA ALA B 260 -32.68 19.93 -13.61
C ALA B 260 -32.03 19.76 -14.98
N GLY B 261 -32.06 18.54 -15.52
CA GLY B 261 -31.43 18.28 -16.80
C GLY B 261 -31.77 19.20 -17.97
N GLU B 262 -33.06 19.49 -18.14
CA GLU B 262 -33.49 20.33 -19.25
C GLU B 262 -33.04 21.78 -19.13
N GLU B 263 -32.99 22.31 -17.91
CA GLU B 263 -32.56 23.67 -17.71
C GLU B 263 -31.07 23.71 -17.96
N ALA B 264 -30.37 22.69 -17.47
CA ALA B 264 -28.93 22.61 -17.66
C ALA B 264 -28.64 22.62 -19.17
N SER B 265 -29.39 21.82 -19.91
CA SER B 265 -29.24 21.69 -21.34
C SER B 265 -29.41 23.04 -22.06
N ALA B 266 -30.45 23.77 -21.71
CA ALA B 266 -30.70 25.05 -22.33
C ALA B 266 -29.57 26.03 -22.01
N ARG B 267 -29.18 26.13 -20.73
CA ARG B 267 -28.10 27.04 -20.32
C ARG B 267 -26.80 26.72 -21.05
N MET B 268 -26.44 25.44 -21.08
CA MET B 268 -25.21 24.99 -21.71
C MET B 268 -25.24 25.29 -23.21
N THR B 269 -26.40 25.06 -23.83
CA THR B 269 -26.55 25.34 -25.27
C THR B 269 -26.32 26.82 -25.55
N ALA B 270 -26.91 27.68 -24.73
CA ALA B 270 -26.75 29.12 -24.89
C ALA B 270 -25.29 29.51 -24.74
N LEU B 271 -24.65 28.99 -23.70
CA LEU B 271 -23.24 29.28 -23.44
C LEU B 271 -22.35 28.91 -24.62
N VAL B 272 -22.52 27.69 -25.12
CA VAL B 272 -21.73 27.21 -26.26
C VAL B 272 -21.94 28.08 -27.50
N LYS B 273 -23.19 28.47 -27.76
CA LYS B 273 -23.50 29.31 -28.92
C LYS B 273 -22.82 30.67 -28.81
N LEU B 274 -22.95 31.31 -27.65
CA LEU B 274 -22.34 32.62 -27.47
C LEU B 274 -20.83 32.51 -27.60
N VAL B 275 -20.27 31.40 -27.13
CA VAL B 275 -18.83 31.18 -27.18
C VAL B 275 -18.38 31.04 -28.64
N ILE B 276 -19.20 30.38 -29.44
CA ILE B 276 -18.90 30.17 -30.84
C ILE B 276 -18.96 31.53 -31.55
N GLU B 277 -19.87 32.40 -31.11
CA GLU B 277 -19.96 33.71 -31.72
C GLU B 277 -18.66 34.48 -31.49
N LYS B 278 -18.18 34.52 -30.26
CA LYS B 278 -16.92 35.21 -29.92
C LYS B 278 -15.72 34.61 -30.67
N ILE B 279 -15.80 33.33 -30.98
CA ILE B 279 -14.73 32.63 -31.70
C ILE B 279 -14.68 33.05 -33.17
N ARG B 280 -15.85 33.27 -33.76
CA ARG B 280 -15.94 33.67 -35.16
C ARG B 280 -15.09 34.91 -35.47
N GLY B 281 -14.58 35.54 -34.43
CA GLY B 281 -13.75 36.72 -34.62
C GLY B 281 -12.28 36.36 -34.73
N GLU B 282 -11.96 35.06 -34.74
CA GLU B 282 -10.58 34.61 -34.85
C GLU B 282 -10.43 33.23 -35.52
N LEU B 283 -10.60 33.18 -36.84
CA LEU B 283 -10.47 31.95 -37.61
C LEU B 283 -9.74 32.20 -38.97
N MET C 1 -23.02 -12.89 -25.62
CA MET C 1 -23.10 -13.42 -24.22
C MET C 1 -22.16 -12.61 -23.31
N THR C 2 -22.74 -11.79 -22.43
CA THR C 2 -21.94 -10.99 -21.52
C THR C 2 -21.53 -11.77 -20.28
N ASP C 3 -20.62 -11.17 -19.51
CA ASP C 3 -20.12 -11.77 -18.29
C ASP C 3 -21.26 -12.23 -17.39
N TYR C 4 -22.27 -11.36 -17.20
CA TYR C 4 -23.39 -11.73 -16.36
C TYR C 4 -24.12 -12.94 -16.93
N ASP C 5 -24.23 -13.02 -18.25
CA ASP C 5 -24.88 -14.15 -18.90
C ASP C 5 -24.09 -15.42 -18.61
N LEU C 6 -22.77 -15.32 -18.69
CA LEU C 6 -21.87 -16.45 -18.43
C LEU C 6 -21.94 -16.87 -16.97
N ALA C 7 -22.09 -15.88 -16.12
CA ALA C 7 -22.18 -16.11 -14.69
C ALA C 7 -23.43 -16.91 -14.39
N LYS C 8 -24.54 -16.54 -15.02
CA LYS C 8 -25.81 -17.23 -14.85
C LYS C 8 -25.68 -18.68 -15.25
N GLU C 9 -25.01 -18.88 -16.37
CA GLU C 9 -24.76 -20.19 -16.94
C GLU C 9 -23.99 -21.02 -15.92
N THR C 10 -22.87 -20.46 -15.46
CA THR C 10 -22.02 -21.11 -14.48
C THR C 10 -22.88 -21.46 -13.25
N ALA C 11 -23.68 -20.49 -12.81
CA ALA C 11 -24.54 -20.71 -11.65
C ALA C 11 -25.48 -21.89 -11.91
N ALA C 12 -26.18 -21.86 -13.04
CA ALA C 12 -27.14 -22.90 -13.40
C ALA C 12 -26.50 -24.28 -13.37
N TRP C 13 -25.24 -24.34 -13.76
CA TRP C 13 -24.51 -25.58 -13.78
C TRP C 13 -24.18 -26.07 -12.37
N LEU C 14 -23.86 -25.13 -11.48
CA LEU C 14 -23.52 -25.47 -10.12
C LEU C 14 -24.80 -25.87 -9.39
N ASN C 15 -25.87 -25.16 -9.73
CA ASN C 15 -27.20 -25.36 -9.15
C ASN C 15 -27.71 -26.82 -9.29
N LYS C 16 -27.33 -27.45 -10.39
CA LYS C 16 -27.70 -28.83 -10.67
C LYS C 16 -27.38 -29.72 -9.47
N GLN C 17 -26.27 -29.40 -8.82
CA GLN C 17 -25.76 -30.17 -7.69
C GLN C 17 -26.16 -29.69 -6.31
N LEU C 18 -27.11 -28.77 -6.24
CA LEU C 18 -27.48 -28.19 -4.95
C LEU C 18 -28.91 -28.40 -4.50
N GLN C 19 -29.09 -28.69 -3.21
CA GLN C 19 -30.42 -28.86 -2.67
C GLN C 19 -30.94 -27.51 -2.20
N ILE C 20 -30.05 -26.72 -1.60
CA ILE C 20 -30.43 -25.39 -1.15
C ILE C 20 -29.44 -24.36 -1.73
N ARG C 21 -29.97 -23.32 -2.36
CA ARG C 21 -29.10 -22.31 -2.93
C ARG C 21 -28.45 -21.51 -1.80
N PRO C 22 -27.15 -21.24 -1.93
CA PRO C 22 -26.40 -20.51 -0.90
C PRO C 22 -26.94 -19.12 -0.75
N VAL C 23 -27.00 -18.63 0.48
CA VAL C 23 -27.50 -17.28 0.68
C VAL C 23 -26.37 -16.40 1.23
N LEU C 24 -25.33 -17.05 1.75
CA LEU C 24 -24.14 -16.37 2.28
C LEU C 24 -22.89 -16.88 1.55
N GLY C 25 -22.02 -15.96 1.11
CA GLY C 25 -20.82 -16.39 0.42
C GLY C 25 -19.57 -16.06 1.22
N ILE C 26 -18.50 -16.81 0.98
CA ILE C 26 -17.27 -16.59 1.72
C ILE C 26 -16.11 -16.74 0.74
N VAL C 27 -15.13 -15.83 0.82
CA VAL C 27 -13.94 -15.89 -0.04
C VAL C 27 -12.76 -16.00 0.92
N CYS C 28 -11.98 -17.07 0.80
CA CYS C 28 -10.84 -17.30 1.68
C CYS C 28 -9.56 -16.75 1.10
N GLY C 29 -8.94 -15.84 1.83
CA GLY C 29 -7.70 -15.23 1.38
C GLY C 29 -6.52 -16.15 1.53
N SER C 30 -5.32 -15.58 1.46
CA SER C 30 -4.09 -16.36 1.59
C SER C 30 -3.93 -17.05 2.95
N GLY C 31 -3.83 -18.37 2.91
CA GLY C 31 -3.64 -19.15 4.12
C GLY C 31 -4.85 -19.25 5.01
N LEU C 32 -5.98 -18.78 4.52
CA LEU C 32 -7.18 -18.83 5.32
C LEU C 32 -8.18 -19.88 4.80
N GLY C 33 -7.64 -20.88 4.12
CA GLY C 33 -8.46 -21.94 3.58
C GLY C 33 -9.26 -22.73 4.63
N LYS C 34 -8.60 -23.09 5.74
CA LYS C 34 -9.26 -23.86 6.81
C LYS C 34 -10.68 -23.39 7.08
N ILE C 35 -10.98 -22.12 6.84
CA ILE C 35 -12.32 -21.61 7.11
C ILE C 35 -13.37 -22.49 6.43
N GLY C 36 -13.01 -23.06 5.29
CA GLY C 36 -13.93 -23.90 4.55
C GLY C 36 -14.36 -25.19 5.22
N ASP C 37 -13.48 -25.79 6.02
CA ASP C 37 -13.82 -27.04 6.69
C ASP C 37 -14.99 -26.80 7.63
N SER C 38 -15.31 -25.53 7.87
CA SER C 38 -16.41 -25.20 8.76
C SER C 38 -17.78 -25.47 8.17
N LEU C 39 -17.84 -25.74 6.86
CA LEU C 39 -19.12 -26.01 6.22
C LEU C 39 -19.53 -27.47 6.41
N GLU C 40 -20.77 -27.65 6.85
CA GLU C 40 -21.35 -28.97 7.13
C GLU C 40 -22.12 -29.53 5.95
N THR C 41 -22.13 -30.87 5.83
CA THR C 41 -22.85 -31.55 4.73
C THR C 41 -22.43 -30.87 3.45
N SER C 42 -21.12 -30.79 3.25
CA SER C 42 -20.59 -30.10 2.11
C SER C 42 -20.31 -30.85 0.83
N ILE C 43 -20.58 -30.18 -0.28
CA ILE C 43 -20.25 -30.74 -1.56
C ILE C 43 -19.12 -29.83 -2.04
N THR C 44 -18.12 -30.44 -2.68
CA THR C 44 -16.98 -29.70 -3.16
C THR C 44 -16.82 -29.77 -4.65
N VAL C 45 -16.55 -28.62 -5.28
CA VAL C 45 -16.37 -28.55 -6.72
C VAL C 45 -15.05 -27.85 -7.04
N ALA C 46 -14.09 -28.56 -7.61
CA ALA C 46 -12.80 -27.94 -7.93
C ALA C 46 -13.01 -26.84 -8.97
N TYR C 47 -12.27 -25.76 -8.84
CA TYR C 47 -12.40 -24.64 -9.76
C TYR C 47 -12.19 -25.11 -11.21
N SER C 48 -11.27 -26.04 -11.38
CA SER C 48 -10.95 -26.55 -12.71
C SER C 48 -12.11 -27.22 -13.45
N ASP C 49 -13.11 -27.69 -12.71
CA ASP C 49 -14.25 -28.35 -13.36
C ASP C 49 -15.39 -27.37 -13.57
N ILE C 50 -15.26 -26.18 -12.99
CA ILE C 50 -16.33 -25.19 -13.13
C ILE C 50 -16.23 -24.45 -14.44
N PRO C 51 -17.32 -24.45 -15.22
CA PRO C 51 -17.36 -23.76 -16.51
C PRO C 51 -17.22 -22.24 -16.36
N ASN C 52 -16.39 -21.68 -17.22
CA ASN C 52 -16.12 -20.24 -17.25
C ASN C 52 -15.24 -19.68 -16.13
N PHE C 53 -14.89 -20.49 -15.14
CA PHE C 53 -14.04 -20.02 -14.06
C PHE C 53 -12.64 -19.80 -14.61
N PRO C 54 -12.03 -18.65 -14.28
CA PRO C 54 -10.68 -18.24 -14.71
C PRO C 54 -9.70 -19.37 -14.52
N VAL C 55 -8.84 -19.59 -15.51
CA VAL C 55 -7.84 -20.65 -15.42
C VAL C 55 -6.92 -20.47 -14.21
N GLY C 56 -6.89 -21.46 -13.32
CA GLY C 56 -6.03 -21.37 -12.15
C GLY C 56 -4.58 -21.71 -12.50
N SER C 57 -3.70 -21.75 -11.51
CA SER C 57 -2.29 -22.08 -11.77
C SER C 57 -1.67 -22.91 -10.64
N ALA C 62 -4.59 -25.46 -6.16
CA ALA C 62 -5.85 -26.10 -6.56
C ALA C 62 -7.05 -25.51 -5.80
N GLY C 63 -7.65 -24.47 -6.38
CA GLY C 63 -8.79 -23.84 -5.74
C GLY C 63 -10.04 -24.69 -5.83
N SER C 64 -10.95 -24.48 -4.91
CA SER C 64 -12.20 -25.22 -4.91
C SER C 64 -13.31 -24.42 -4.26
N LEU C 65 -14.53 -24.72 -4.67
CA LEU C 65 -15.73 -24.05 -4.19
C LEU C 65 -16.46 -25.05 -3.32
N ILE C 66 -16.82 -24.64 -2.11
CA ILE C 66 -17.49 -25.51 -1.16
C ILE C 66 -18.90 -25.05 -0.85
N PHE C 67 -19.87 -25.97 -0.94
CA PHE C 67 -21.25 -25.62 -0.59
C PHE C 67 -21.65 -26.41 0.65
N GLY C 68 -22.24 -25.73 1.62
CA GLY C 68 -22.64 -26.39 2.84
C GLY C 68 -23.19 -25.39 3.83
N SER C 69 -23.55 -25.84 5.02
CA SER C 69 -24.09 -24.92 6.00
C SER C 69 -23.20 -24.67 7.22
N VAL C 70 -23.46 -23.55 7.86
CA VAL C 70 -22.71 -23.13 9.01
C VAL C 70 -23.75 -22.44 9.86
N ASN C 71 -23.83 -22.81 11.14
CA ASN C 71 -24.81 -22.22 12.05
C ASN C 71 -26.21 -22.11 11.42
N GLY C 72 -26.57 -23.11 10.64
CA GLY C 72 -27.89 -23.13 10.02
C GLY C 72 -28.06 -22.31 8.74
N VAL C 73 -26.97 -21.75 8.22
CA VAL C 73 -27.09 -20.97 7.00
C VAL C 73 -26.39 -21.64 5.83
N SER C 74 -27.07 -21.72 4.70
CA SER C 74 -26.45 -22.34 3.52
C SER C 74 -25.44 -21.35 2.93
N CYS C 75 -24.22 -21.83 2.76
CA CYS C 75 -23.13 -21.00 2.27
C CYS C 75 -22.40 -21.60 1.09
N VAL C 76 -21.70 -20.72 0.38
CA VAL C 76 -20.83 -21.13 -0.69
C VAL C 76 -19.50 -20.52 -0.26
N CYS C 77 -18.43 -21.30 -0.28
CA CYS C 77 -17.14 -20.78 0.15
C CYS C 77 -16.09 -20.98 -0.91
N MET C 78 -15.37 -19.92 -1.20
CA MET C 78 -14.30 -19.96 -2.19
C MET C 78 -13.01 -20.24 -1.44
N LYS C 79 -12.35 -21.35 -1.76
CA LYS C 79 -11.07 -21.65 -1.12
C LYS C 79 -10.04 -21.26 -2.16
N GLY C 80 -9.65 -19.98 -2.10
CA GLY C 80 -8.72 -19.44 -3.07
C GLY C 80 -9.46 -18.44 -3.94
N ARG C 81 -8.79 -17.37 -4.33
CA ARG C 81 -9.43 -16.37 -5.17
C ARG C 81 -8.53 -16.05 -6.36
N PHE C 82 -8.91 -15.07 -7.18
CA PHE C 82 -8.09 -14.70 -8.32
C PHE C 82 -7.62 -13.25 -8.19
N HIS C 83 -6.39 -12.96 -8.59
CA HIS C 83 -5.84 -11.62 -8.46
C HIS C 83 -5.33 -11.04 -9.80
N LEU C 84 -5.38 -9.71 -9.90
CA LEU C 84 -4.89 -9.02 -11.07
C LEU C 84 -3.46 -9.39 -11.37
N TYR C 85 -2.65 -9.58 -10.34
CA TYR C 85 -1.24 -9.87 -10.57
C TYR C 85 -0.95 -11.20 -11.24
N GLU C 86 -1.95 -12.08 -11.28
CA GLU C 86 -1.77 -13.38 -11.92
C GLU C 86 -1.92 -13.24 -13.44
N GLY C 87 -2.49 -12.12 -13.88
CA GLY C 87 -2.64 -11.93 -15.31
C GLY C 87 -4.08 -11.75 -15.71
N HIS C 88 -5.00 -11.96 -14.77
CA HIS C 88 -6.40 -11.80 -15.07
C HIS C 88 -6.77 -10.34 -15.15
N THR C 89 -7.79 -10.03 -15.95
CA THR C 89 -8.31 -8.68 -16.05
C THR C 89 -9.13 -8.51 -14.76
N ALA C 90 -9.43 -7.27 -14.42
CA ALA C 90 -10.19 -7.02 -13.22
C ALA C 90 -11.56 -7.72 -13.32
N ALA C 91 -12.16 -7.69 -14.51
CA ALA C 91 -13.45 -8.33 -14.74
C ALA C 91 -13.36 -9.84 -14.58
N ARG C 92 -12.31 -10.40 -15.14
CA ARG C 92 -12.07 -11.81 -15.08
C ARG C 92 -11.89 -12.32 -13.64
N ALA C 93 -11.04 -11.64 -12.87
CA ALA C 93 -10.78 -12.08 -11.51
C ALA C 93 -11.98 -11.88 -10.59
N THR C 94 -12.94 -11.08 -11.04
CA THR C 94 -14.11 -10.84 -10.22
C THR C 94 -15.31 -11.57 -10.77
N PHE C 95 -15.04 -12.53 -11.66
CA PHE C 95 -16.10 -13.34 -12.26
C PHE C 95 -16.85 -14.17 -11.19
N PRO C 96 -16.12 -14.74 -10.20
CA PRO C 96 -16.75 -15.53 -9.14
C PRO C 96 -17.79 -14.70 -8.36
N MET C 97 -17.57 -13.39 -8.25
CA MET C 97 -18.52 -12.56 -7.53
C MET C 97 -19.81 -12.44 -8.30
N ARG C 98 -19.71 -12.44 -9.62
CA ARG C 98 -20.92 -12.33 -10.42
C ARG C 98 -21.62 -13.68 -10.29
N VAL C 99 -20.83 -14.76 -10.19
CA VAL C 99 -21.42 -16.07 -10.04
C VAL C 99 -22.13 -16.15 -8.68
N PHE C 100 -21.51 -15.61 -7.63
CA PHE C 100 -22.13 -15.61 -6.30
C PHE C 100 -23.49 -14.98 -6.41
N LYS C 101 -23.57 -13.85 -7.12
CA LYS C 101 -24.84 -13.15 -7.28
C LYS C 101 -25.88 -14.00 -7.95
N ALA C 102 -25.48 -14.61 -9.06
CA ALA C 102 -26.32 -15.47 -9.88
C ALA C 102 -26.81 -16.70 -9.10
N LEU C 103 -26.09 -17.04 -8.03
CA LEU C 103 -26.46 -18.18 -7.19
C LEU C 103 -27.45 -17.75 -6.11
N GLY C 104 -27.69 -16.46 -6.01
CA GLY C 104 -28.62 -15.94 -5.01
C GLY C 104 -27.99 -15.48 -3.70
N VAL C 105 -26.67 -15.38 -3.68
CA VAL C 105 -25.97 -14.94 -2.48
C VAL C 105 -26.41 -13.51 -2.12
N LYS C 106 -26.62 -13.24 -0.84
CA LYS C 106 -27.04 -11.92 -0.41
C LYS C 106 -25.97 -11.22 0.42
N ILE C 107 -25.14 -12.01 1.10
CA ILE C 107 -24.06 -11.45 1.92
C ILE C 107 -22.77 -12.14 1.57
N VAL C 108 -21.70 -11.36 1.45
CA VAL C 108 -20.42 -11.95 1.12
C VAL C 108 -19.40 -11.56 2.20
N VAL C 109 -18.69 -12.57 2.70
CA VAL C 109 -17.68 -12.33 3.73
C VAL C 109 -16.33 -12.62 3.09
N LEU C 110 -15.48 -11.60 2.98
CA LEU C 110 -14.16 -11.87 2.41
C LEU C 110 -13.03 -11.69 3.40
N THR C 111 -11.96 -12.43 3.19
CA THR C 111 -10.79 -12.33 4.05
C THR C 111 -9.58 -12.26 3.16
N ASN C 112 -8.50 -11.71 3.70
CA ASN C 112 -7.26 -11.62 2.96
C ASN C 112 -6.13 -11.45 3.95
N ALA C 113 -4.91 -11.61 3.47
CA ALA C 113 -3.73 -11.39 4.30
C ALA C 113 -3.18 -10.04 3.77
N ALA C 114 -2.83 -9.12 4.65
CA ALA C 114 -2.33 -7.82 4.20
C ALA C 114 -1.19 -7.28 5.04
N GLY C 115 -0.55 -6.24 4.52
CA GLY C 115 0.56 -5.61 5.22
C GLY C 115 0.06 -4.41 5.98
N GLY C 116 0.31 -4.36 7.28
CA GLY C 116 -0.17 -3.23 8.05
C GLY C 116 0.69 -1.98 7.92
N LEU C 117 0.06 -0.84 7.76
CA LEU C 117 0.78 0.44 7.67
C LEU C 117 0.46 1.24 8.91
N ASN C 118 -0.71 1.03 9.49
CA ASN C 118 -1.10 1.72 10.71
C ASN C 118 -0.14 1.37 11.87
N PRO C 119 0.46 2.39 12.48
CA PRO C 119 1.40 2.27 13.60
C PRO C 119 1.01 1.37 14.76
N SER C 120 -0.27 1.18 15.00
CA SER C 120 -0.68 0.37 16.13
C SER C 120 -1.01 -1.08 15.78
N TYR C 121 -0.88 -1.44 14.52
CA TYR C 121 -1.17 -2.79 14.06
C TYR C 121 0.05 -3.66 14.37
N ARG C 122 -0.20 -4.93 14.67
CA ARG C 122 0.88 -5.87 14.93
C ARG C 122 0.63 -7.14 14.14
N PRO C 123 1.69 -7.85 13.74
CA PRO C 123 1.45 -9.07 12.98
C PRO C 123 0.56 -9.99 13.79
N GLY C 124 -0.49 -10.52 13.13
CA GLY C 124 -1.41 -11.41 13.81
C GLY C 124 -2.76 -10.73 14.04
N ASP C 125 -2.76 -9.40 14.03
CA ASP C 125 -3.99 -8.64 14.24
C ASP C 125 -4.96 -8.82 13.08
N PHE C 126 -6.18 -8.36 13.31
CA PHE C 126 -7.25 -8.43 12.33
C PHE C 126 -7.70 -7.01 12.05
N MET C 127 -7.88 -6.67 10.77
CA MET C 127 -8.39 -5.35 10.45
C MET C 127 -9.70 -5.51 9.70
N VAL C 128 -10.79 -5.16 10.36
CA VAL C 128 -12.10 -5.19 9.73
C VAL C 128 -12.08 -4.01 8.76
N VAL C 129 -12.51 -4.24 7.53
CA VAL C 129 -12.48 -3.16 6.54
C VAL C 129 -13.68 -2.22 6.55
N ARG C 130 -13.41 -0.93 6.76
CA ARG C 130 -14.49 0.05 6.76
C ARG C 130 -14.57 0.80 5.42
N ASP C 131 -13.49 0.78 4.65
CA ASP C 131 -13.48 1.44 3.34
C ASP C 131 -12.22 1.00 2.59
N HIS C 132 -12.14 1.31 1.29
CA HIS C 132 -10.95 0.94 0.53
C HIS C 132 -10.52 1.99 -0.46
N ILE C 133 -9.31 1.79 -0.96
CA ILE C 133 -8.70 2.67 -1.93
C ILE C 133 -8.24 1.69 -2.98
N ASN C 134 -8.92 1.70 -4.13
CA ASN C 134 -8.58 0.78 -5.21
C ASN C 134 -7.85 1.47 -6.34
N LEU C 135 -6.53 1.49 -6.24
CA LEU C 135 -5.70 2.13 -7.23
C LEU C 135 -5.90 1.63 -8.67
N PRO C 136 -5.84 0.31 -8.88
CA PRO C 136 -6.03 -0.16 -10.26
C PRO C 136 -7.35 0.25 -10.86
N GLY C 137 -8.39 0.29 -10.05
CA GLY C 137 -9.71 0.65 -10.53
C GLY C 137 -9.92 2.13 -10.83
N LEU C 138 -8.98 2.97 -10.41
CA LEU C 138 -9.11 4.39 -10.69
C LEU C 138 -8.37 4.67 -11.99
N ALA C 139 -7.48 3.76 -12.38
CA ALA C 139 -6.67 4.00 -13.55
C ALA C 139 -6.52 2.92 -14.61
N GLY C 140 -7.60 2.44 -15.21
CA GLY C 140 -7.41 1.47 -16.27
C GLY C 140 -7.59 0.00 -16.00
N ALA C 141 -8.05 -0.36 -14.81
CA ALA C 141 -8.29 -1.76 -14.49
C ALA C 141 -9.40 -1.84 -13.46
N ASN C 142 -10.57 -1.35 -13.87
CA ASN C 142 -11.74 -1.36 -13.02
C ASN C 142 -12.52 -2.60 -13.41
N PRO C 143 -12.95 -3.39 -12.42
CA PRO C 143 -13.69 -4.63 -12.70
C PRO C 143 -15.06 -4.50 -13.37
N LEU C 144 -15.59 -3.29 -13.45
CA LEU C 144 -16.89 -3.10 -14.07
C LEU C 144 -16.69 -2.51 -15.47
N THR C 145 -15.44 -2.30 -15.83
CA THR C 145 -15.17 -1.77 -17.14
C THR C 145 -15.83 -2.64 -18.20
N GLY C 146 -16.53 -2.02 -19.14
CA GLY C 146 -17.17 -2.79 -20.18
C GLY C 146 -18.64 -2.49 -20.27
N PRO C 147 -19.41 -3.27 -21.03
CA PRO C 147 -20.85 -3.03 -21.16
C PRO C 147 -21.56 -3.41 -19.88
N ASN C 148 -22.61 -2.67 -19.52
CA ASN C 148 -23.36 -2.99 -18.31
C ASN C 148 -24.81 -3.38 -18.58
N ASP C 149 -25.22 -4.46 -17.93
CA ASP C 149 -26.58 -4.97 -18.07
C ASP C 149 -27.43 -4.14 -17.09
N ASP C 150 -28.18 -3.17 -17.62
CA ASP C 150 -29.02 -2.31 -16.77
C ASP C 150 -29.99 -3.02 -15.83
N THR C 151 -30.19 -4.31 -16.02
CA THR C 151 -31.10 -5.04 -15.14
C THR C 151 -30.34 -5.87 -14.10
N GLU C 152 -29.02 -5.80 -14.12
CA GLU C 152 -28.21 -6.53 -13.16
C GLU C 152 -27.71 -5.51 -12.13
N GLY C 153 -27.50 -4.28 -12.60
CA GLY C 153 -27.01 -3.24 -11.72
C GLY C 153 -26.90 -1.90 -12.40
N GLU C 154 -26.55 -0.88 -11.61
CA GLU C 154 -26.40 0.47 -12.14
C GLU C 154 -25.18 0.59 -13.05
N ARG C 155 -25.24 1.50 -14.03
CA ARG C 155 -24.10 1.71 -14.92
C ARG C 155 -23.00 2.38 -14.09
N PHE C 156 -23.41 3.32 -13.24
CA PHE C 156 -22.51 4.08 -12.40
C PHE C 156 -22.91 3.84 -10.93
N PRO C 157 -22.56 2.65 -10.41
CA PRO C 157 -22.89 2.29 -9.02
C PRO C 157 -22.12 3.06 -7.98
N SER C 158 -22.83 3.45 -6.93
CA SER C 158 -22.24 4.16 -5.83
C SER C 158 -21.36 3.25 -4.98
N MET C 159 -20.22 3.76 -4.56
CA MET C 159 -19.30 3.02 -3.72
C MET C 159 -19.15 3.78 -2.41
N THR C 160 -20.17 4.55 -2.05
CA THR C 160 -20.12 5.33 -0.83
C THR C 160 -20.15 4.45 0.43
N SER C 161 -20.78 3.28 0.36
CA SER C 161 -20.81 2.39 1.51
C SER C 161 -20.59 0.95 1.09
N VAL C 162 -19.43 0.66 0.53
CA VAL C 162 -19.12 -0.71 0.11
C VAL C 162 -19.19 -1.69 1.29
N TYR C 163 -18.67 -1.30 2.44
CA TYR C 163 -18.66 -2.17 3.62
C TYR C 163 -19.81 -1.94 4.62
N ASP C 164 -20.80 -2.82 4.55
CA ASP C 164 -22.00 -2.77 5.38
C ASP C 164 -21.70 -2.41 6.84
N LYS C 165 -22.23 -1.27 7.28
CA LYS C 165 -22.01 -0.80 8.65
C LYS C 165 -22.47 -1.81 9.69
N THR C 166 -23.58 -2.47 9.42
CA THR C 166 -24.07 -3.46 10.36
C THR C 166 -23.21 -4.72 10.41
N LEU C 167 -22.76 -5.20 9.27
CA LEU C 167 -21.93 -6.38 9.26
C LEU C 167 -20.64 -6.07 10.00
N ARG C 168 -20.20 -4.83 9.91
CA ARG C 168 -18.97 -4.43 10.60
C ARG C 168 -19.19 -4.54 12.10
N LYS C 169 -20.30 -3.98 12.58
CA LYS C 169 -20.61 -4.03 14.01
C LYS C 169 -20.63 -5.47 14.48
N TYR C 170 -21.23 -6.36 13.70
CA TYR C 170 -21.27 -7.76 14.09
C TYR C 170 -19.86 -8.29 14.20
N ALA C 171 -19.00 -7.91 13.26
CA ALA C 171 -17.63 -8.38 13.28
C ALA C 171 -16.83 -7.87 14.49
N ILE C 172 -16.96 -6.58 14.80
CA ILE C 172 -16.22 -6.05 15.93
C ILE C 172 -16.70 -6.64 17.24
N SER C 173 -18.01 -6.79 17.41
CA SER C 173 -18.53 -7.36 18.63
C SER C 173 -18.22 -8.86 18.71
N ALA C 174 -18.15 -9.53 17.57
CA ALA C 174 -17.83 -10.95 17.60
C ALA C 174 -16.37 -11.10 18.04
N ALA C 175 -15.55 -10.14 17.66
CA ALA C 175 -14.15 -10.16 18.02
C ALA C 175 -14.06 -9.96 19.52
N ARG C 176 -14.78 -8.97 20.04
CA ARG C 176 -14.77 -8.71 21.47
C ARG C 176 -15.22 -9.99 22.20
N GLU C 177 -16.37 -10.50 21.79
CA GLU C 177 -16.94 -11.70 22.36
C GLU C 177 -15.94 -12.86 22.38
N LEU C 178 -15.04 -12.92 21.40
CA LEU C 178 -14.06 -14.01 21.31
C LEU C 178 -12.78 -13.69 22.07
N GLY C 179 -12.70 -12.48 22.61
CA GLY C 179 -11.51 -12.08 23.34
C GLY C 179 -10.39 -11.53 22.51
N MET C 180 -10.70 -11.01 21.31
CA MET C 180 -9.65 -10.46 20.44
C MET C 180 -9.82 -8.98 20.18
N SER C 181 -10.60 -8.32 21.02
CA SER C 181 -10.84 -6.91 20.86
C SER C 181 -9.58 -6.03 20.78
N TYR C 182 -8.52 -6.42 21.47
CA TYR C 182 -7.30 -5.61 21.45
C TYR C 182 -6.44 -5.84 20.21
N ALA C 183 -6.71 -6.94 19.49
CA ALA C 183 -5.94 -7.25 18.30
C ALA C 183 -6.80 -7.11 17.04
N THR C 184 -7.98 -6.51 17.21
CA THR C 184 -8.90 -6.32 16.10
C THR C 184 -9.16 -4.84 15.88
N HIS C 185 -8.88 -4.36 14.67
CA HIS C 185 -9.09 -2.95 14.37
C HIS C 185 -10.13 -2.79 13.27
N GLU C 186 -10.39 -1.54 12.93
CA GLU C 186 -11.30 -1.17 11.87
C GLU C 186 -10.56 -0.08 11.08
N GLY C 187 -10.30 -0.34 9.79
CA GLY C 187 -9.58 0.63 9.01
C GLY C 187 -9.75 0.57 7.51
N VAL C 188 -8.91 1.35 6.82
CA VAL C 188 -8.95 1.47 5.38
C VAL C 188 -8.02 0.52 4.64
N TYR C 189 -8.56 -0.25 3.72
CA TYR C 189 -7.73 -1.20 2.94
C TYR C 189 -7.33 -0.60 1.60
N CYS C 190 -6.03 -0.57 1.31
CA CYS C 190 -5.57 -0.04 0.03
C CYS C 190 -5.16 -1.16 -0.89
N CYS C 191 -5.82 -1.26 -2.02
CA CYS C 191 -5.51 -2.31 -2.98
C CYS C 191 -4.63 -1.82 -4.11
N VAL C 192 -3.52 -2.52 -4.34
CA VAL C 192 -2.57 -2.26 -5.42
C VAL C 192 -2.52 -3.47 -6.33
N ASN C 193 -1.93 -3.29 -7.50
CA ASN C 193 -1.84 -4.39 -8.45
C ASN C 193 -0.98 -5.57 -8.03
N GLY C 194 0.21 -5.31 -7.50
CA GLY C 194 1.09 -6.40 -7.16
C GLY C 194 1.77 -6.84 -8.47
N PRO C 195 2.58 -7.92 -8.45
CA PRO C 195 2.86 -8.73 -7.26
C PRO C 195 4.06 -8.27 -6.47
N SER C 196 4.78 -7.28 -6.99
CA SER C 196 5.95 -6.78 -6.27
C SER C 196 5.48 -5.90 -5.15
N PHE C 197 6.13 -5.98 -4.00
CA PHE C 197 5.72 -5.16 -2.88
C PHE C 197 6.19 -3.72 -3.20
N GLU C 198 5.64 -2.73 -2.51
CA GLU C 198 6.00 -1.35 -2.81
C GLU C 198 7.34 -0.87 -2.27
N THR C 199 7.91 0.12 -2.93
CA THR C 199 9.15 0.68 -2.49
C THR C 199 8.83 1.55 -1.29
N PRO C 200 9.85 1.92 -0.51
CA PRO C 200 9.55 2.77 0.64
C PRO C 200 8.91 4.09 0.19
N ALA C 201 9.37 4.63 -0.93
CA ALA C 201 8.78 5.89 -1.40
C ALA C 201 7.31 5.71 -1.78
N GLU C 202 6.95 4.53 -2.27
CA GLU C 202 5.57 4.24 -2.65
C GLU C 202 4.72 4.05 -1.38
N CYS C 203 5.33 3.40 -0.39
CA CYS C 203 4.67 3.13 0.88
C CYS C 203 4.33 4.47 1.51
N LYS C 204 5.24 5.43 1.41
CA LYS C 204 4.95 6.74 1.96
C LYS C 204 3.74 7.35 1.29
N ILE C 205 3.63 7.20 -0.02
CA ILE C 205 2.47 7.76 -0.71
C ILE C 205 1.20 7.11 -0.19
N LEU C 206 1.23 5.78 -0.04
CA LEU C 206 0.10 5.03 0.49
C LEU C 206 -0.34 5.51 1.89
N ARG C 207 0.63 5.89 2.73
CA ARG C 207 0.25 6.39 4.05
C ARG C 207 -0.32 7.78 3.89
N LEU C 208 0.24 8.55 2.97
CA LEU C 208 -0.28 9.90 2.69
C LEU C 208 -1.74 9.80 2.23
N MET C 209 -2.11 8.69 1.60
CA MET C 209 -3.48 8.52 1.12
C MET C 209 -4.43 8.08 2.25
N GLY C 210 -3.89 7.76 3.41
CA GLY C 210 -4.74 7.33 4.51
C GLY C 210 -4.98 5.83 4.55
N SER C 211 -4.03 5.03 4.08
CA SER C 211 -4.18 3.58 4.09
C SER C 211 -3.71 2.97 5.42
N ASP C 212 -4.50 2.05 5.97
CA ASP C 212 -4.12 1.40 7.24
C ASP C 212 -3.47 0.08 6.95
N ALA C 213 -3.81 -0.50 5.80
CA ALA C 213 -3.21 -1.77 5.38
C ALA C 213 -3.20 -1.82 3.84
N VAL C 214 -2.30 -2.59 3.27
CA VAL C 214 -2.21 -2.72 1.82
C VAL C 214 -2.15 -4.18 1.39
N GLY C 215 -2.94 -4.53 0.37
CA GLY C 215 -2.96 -5.87 -0.16
C GLY C 215 -3.24 -5.86 -1.66
N MET C 216 -3.24 -7.03 -2.28
CA MET C 216 -3.46 -7.07 -3.73
C MET C 216 -4.77 -7.70 -4.18
N SER C 217 -5.84 -7.51 -3.41
CA SER C 217 -7.13 -8.10 -3.76
C SER C 217 -8.27 -7.43 -3.05
N THR C 218 -9.39 -8.14 -2.99
CA THR C 218 -10.56 -7.71 -2.25
C THR C 218 -11.37 -6.53 -2.71
N ALA C 219 -10.73 -5.39 -2.91
CA ALA C 219 -11.46 -4.19 -3.35
C ALA C 219 -12.23 -4.40 -4.65
N PRO C 220 -11.59 -4.94 -5.71
CA PRO C 220 -12.29 -5.15 -6.97
C PRO C 220 -13.48 -6.10 -6.80
N GLU C 221 -13.32 -7.07 -5.90
CA GLU C 221 -14.37 -8.04 -5.60
C GLU C 221 -15.58 -7.38 -4.92
N THR C 222 -15.33 -6.49 -3.96
CA THR C 222 -16.44 -5.84 -3.29
C THR C 222 -17.09 -4.79 -4.17
N ILE C 223 -16.35 -4.24 -5.13
CA ILE C 223 -16.94 -3.26 -6.05
C ILE C 223 -18.03 -4.02 -6.83
N VAL C 224 -17.68 -5.19 -7.32
CA VAL C 224 -18.58 -6.03 -8.10
C VAL C 224 -19.73 -6.60 -7.26
N ALA C 225 -19.42 -7.06 -6.06
CA ALA C 225 -20.47 -7.60 -5.18
C ALA C 225 -21.49 -6.52 -4.88
N LYS C 226 -21.00 -5.37 -4.42
CA LYS C 226 -21.88 -4.22 -4.08
C LYS C 226 -22.75 -3.82 -5.28
N HIS C 227 -22.16 -3.82 -6.46
CA HIS C 227 -22.87 -3.48 -7.67
C HIS C 227 -23.95 -4.51 -7.94
N GLY C 228 -23.68 -5.75 -7.54
CA GLY C 228 -24.61 -6.85 -7.73
C GLY C 228 -25.64 -6.93 -6.62
N GLY C 229 -25.76 -5.88 -5.84
CA GLY C 229 -26.74 -5.85 -4.78
C GLY C 229 -26.40 -6.65 -3.53
N MET C 230 -25.18 -7.14 -3.40
CA MET C 230 -24.83 -7.93 -2.23
C MET C 230 -24.19 -7.09 -1.15
N ARG C 231 -24.33 -7.54 0.09
CA ARG C 231 -23.77 -6.83 1.24
C ARG C 231 -22.38 -7.41 1.53
N CYS C 232 -21.41 -6.53 1.81
CA CYS C 232 -20.04 -7.01 2.04
C CYS C 232 -19.40 -6.75 3.39
N LEU C 233 -18.61 -7.71 3.79
CA LEU C 233 -17.83 -7.65 5.03
C LEU C 233 -16.48 -8.23 4.62
N ALA C 234 -15.41 -7.52 4.97
CA ALA C 234 -14.07 -7.99 4.67
C ALA C 234 -13.18 -7.81 5.90
N VAL C 235 -12.36 -8.82 6.16
CA VAL C 235 -11.45 -8.77 7.30
C VAL C 235 -10.05 -9.16 6.85
N SER C 236 -9.10 -8.29 7.13
CA SER C 236 -7.72 -8.54 6.76
C SER C 236 -6.93 -9.09 7.93
N LEU C 237 -6.13 -10.11 7.65
CA LEU C 237 -5.24 -10.67 8.66
C LEU C 237 -3.99 -9.84 8.43
N ILE C 238 -3.54 -9.09 9.42
CA ILE C 238 -2.33 -8.29 9.24
C ILE C 238 -1.17 -9.27 9.42
N SER C 239 -0.71 -9.83 8.32
CA SER C 239 0.36 -10.83 8.34
C SER C 239 1.75 -10.29 8.70
N ASN C 240 1.97 -9.02 8.36
CA ASN C 240 3.23 -8.34 8.63
C ASN C 240 2.93 -6.86 8.77
N VAL C 241 3.88 -6.12 9.32
CA VAL C 241 3.70 -4.69 9.52
C VAL C 241 4.93 -3.92 9.05
N ILE C 242 4.67 -2.77 8.46
CA ILE C 242 5.71 -1.93 7.92
C ILE C 242 6.16 -0.96 8.97
N ALA C 243 7.45 -0.83 9.17
CA ALA C 243 7.96 0.11 10.16
C ALA C 243 7.68 1.57 9.75
N SER C 244 7.91 2.48 10.68
CA SER C 244 7.68 3.91 10.44
C SER C 244 8.45 4.44 9.22
N ASN C 245 9.65 3.91 8.98
CA ASN C 245 10.45 4.37 7.84
C ASN C 245 9.93 3.82 6.49
N CYS C 246 8.83 3.08 6.56
CA CYS C 246 8.19 2.48 5.39
C CYS C 246 8.96 1.34 4.70
N GLU C 247 9.44 0.36 5.46
CA GLU C 247 10.16 -0.77 4.89
C GLU C 247 9.69 -2.05 5.58
N THR C 248 10.00 -3.22 5.06
CA THR C 248 9.54 -4.36 5.83
C THR C 248 10.67 -5.29 6.29
N ALA C 260 2.61 -19.20 13.12
CA ALA C 260 1.77 -18.01 13.12
C ALA C 260 0.53 -18.19 12.25
N GLY C 261 0.74 -18.68 11.04
CA GLY C 261 -0.37 -18.89 10.14
C GLY C 261 -1.51 -19.73 10.68
N GLU C 262 -1.17 -20.79 11.41
CA GLU C 262 -2.17 -21.70 11.97
C GLU C 262 -3.07 -21.09 13.02
N GLU C 263 -2.48 -20.24 13.86
CA GLU C 263 -3.20 -19.55 14.91
C GLU C 263 -4.11 -18.53 14.23
N ALA C 264 -3.57 -17.85 13.23
CA ALA C 264 -4.32 -16.87 12.45
C ALA C 264 -5.56 -17.54 11.90
N SER C 265 -5.34 -18.68 11.27
CA SER C 265 -6.38 -19.48 10.66
C SER C 265 -7.51 -19.84 11.63
N ALA C 266 -7.11 -20.34 12.80
CA ALA C 266 -8.08 -20.72 13.82
C ALA C 266 -8.91 -19.52 14.27
N ARG C 267 -8.24 -18.43 14.64
CA ARG C 267 -8.94 -17.22 15.08
C ARG C 267 -9.89 -16.65 14.03
N MET C 268 -9.42 -16.57 12.78
CA MET C 268 -10.22 -16.05 11.70
C MET C 268 -11.45 -16.94 11.50
N THR C 269 -11.23 -18.26 11.54
CA THR C 269 -12.33 -19.22 11.38
C THR C 269 -13.40 -19.03 12.47
N ALA C 270 -12.98 -18.83 13.71
CA ALA C 270 -13.92 -18.64 14.79
C ALA C 270 -14.70 -17.35 14.57
N LEU C 271 -13.98 -16.29 14.23
CA LEU C 271 -14.57 -14.98 13.99
C LEU C 271 -15.64 -15.03 12.90
N VAL C 272 -15.33 -15.66 11.78
CA VAL C 272 -16.30 -15.76 10.68
C VAL C 272 -17.55 -16.54 11.08
N LYS C 273 -17.33 -17.63 11.83
CA LYS C 273 -18.41 -18.49 12.29
C LYS C 273 -19.35 -17.70 13.20
N LEU C 274 -18.79 -17.01 14.18
CA LEU C 274 -19.60 -16.21 15.10
C LEU C 274 -20.35 -15.12 14.36
N VAL C 275 -19.71 -14.56 13.34
CA VAL C 275 -20.33 -13.51 12.53
C VAL C 275 -21.52 -14.06 11.78
N ILE C 276 -21.34 -15.27 11.25
CA ILE C 276 -22.39 -15.96 10.51
C ILE C 276 -23.57 -16.23 11.43
N GLU C 277 -23.27 -16.52 12.69
CA GLU C 277 -24.30 -16.79 13.68
C GLU C 277 -25.16 -15.54 13.87
N LYS C 278 -24.53 -14.40 14.10
CA LYS C 278 -25.28 -13.16 14.28
C LYS C 278 -26.02 -12.75 13.02
N ILE C 279 -25.63 -13.33 11.88
CA ILE C 279 -26.19 -12.94 10.59
C ILE C 279 -27.45 -13.73 10.28
N ARG C 280 -27.62 -14.85 10.96
CA ARG C 280 -28.79 -15.70 10.74
C ARG C 280 -30.07 -15.03 11.20
N GLY C 281 -29.94 -13.78 11.62
CA GLY C 281 -31.10 -13.01 12.00
C GLY C 281 -31.53 -12.19 10.79
N GLU C 282 -30.56 -11.80 9.96
CA GLU C 282 -30.82 -10.99 8.76
C GLU C 282 -30.88 -11.68 7.38
N LEU C 283 -31.28 -12.95 7.34
CA LEU C 283 -31.39 -13.66 6.07
C LEU C 283 -32.01 -15.07 6.21
N PRO C 284 -32.51 -15.65 5.08
CA PRO C 284 -33.16 -16.96 4.93
C PRO C 284 -32.58 -18.16 5.69
N ARG C 285 -33.44 -18.78 6.51
CA ARG C 285 -33.11 -19.94 7.35
C ARG C 285 -32.20 -19.61 8.52
N MET D 1 20.47 -6.21 67.29
CA MET D 1 20.40 -7.06 66.05
C MET D 1 19.62 -6.32 64.95
N THR D 2 20.34 -5.82 63.95
CA THR D 2 19.75 -5.08 62.83
C THR D 2 19.13 -6.03 61.81
N ASP D 3 18.32 -5.50 60.90
CA ASP D 3 17.71 -6.35 59.88
C ASP D 3 18.77 -7.11 59.09
N TYR D 4 19.88 -6.44 58.77
CA TYR D 4 20.97 -7.08 58.03
C TYR D 4 21.48 -8.26 58.85
N ASP D 5 21.56 -8.07 60.17
CA ASP D 5 22.01 -9.10 61.12
C ASP D 5 21.04 -10.30 61.08
N LEU D 6 19.73 -10.00 61.10
CA LEU D 6 18.71 -11.04 61.05
C LEU D 6 18.69 -11.72 59.67
N ALA D 7 19.01 -10.97 58.63
CA ALA D 7 19.06 -11.50 57.27
C ALA D 7 20.17 -12.54 57.18
N LYS D 8 21.33 -12.21 57.75
CA LYS D 8 22.47 -13.14 57.74
C LYS D 8 22.10 -14.43 58.47
N GLU D 9 21.40 -14.30 59.59
CA GLU D 9 20.96 -15.43 60.39
C GLU D 9 20.05 -16.30 59.54
N THR D 10 19.03 -15.66 58.97
CA THR D 10 18.08 -16.36 58.12
C THR D 10 18.83 -17.10 57.03
N ALA D 11 19.80 -16.41 56.42
CA ALA D 11 20.60 -16.99 55.35
C ALA D 11 21.35 -18.22 55.85
N ALA D 12 22.07 -18.04 56.95
CA ALA D 12 22.84 -19.14 57.55
C ALA D 12 21.96 -20.37 57.78
N TRP D 13 20.72 -20.12 58.19
CA TRP D 13 19.78 -21.22 58.44
C TRP D 13 19.38 -21.93 57.16
N LEU D 14 19.24 -21.16 56.08
CA LEU D 14 18.86 -21.71 54.79
C LEU D 14 20.05 -22.47 54.23
N ASN D 15 21.22 -21.86 54.39
CA ASN D 15 22.46 -22.45 53.90
C ASN D 15 22.69 -23.87 54.39
N LYS D 16 22.26 -24.16 55.62
CA LYS D 16 22.45 -25.50 56.17
C LYS D 16 21.92 -26.56 55.21
N GLN D 17 20.88 -26.21 54.46
CA GLN D 17 20.25 -27.16 53.56
C GLN D 17 20.65 -27.04 52.10
N LEU D 18 21.74 -26.33 51.84
CA LEU D 18 22.18 -26.11 50.47
C LEU D 18 23.58 -26.62 50.13
N GLN D 19 23.70 -27.20 48.93
CA GLN D 19 24.98 -27.70 48.45
C GLN D 19 25.72 -26.58 47.72
N ILE D 20 24.97 -25.79 46.95
CA ILE D 20 25.50 -24.67 46.19
C ILE D 20 24.74 -23.40 46.57
N ARG D 21 25.45 -22.35 46.97
CA ARG D 21 24.80 -21.10 47.32
C ARG D 21 24.24 -20.51 46.01
N PRO D 22 23.00 -19.99 46.05
CA PRO D 22 22.37 -19.40 44.86
C PRO D 22 23.15 -18.16 44.43
N VAL D 23 23.28 -17.96 43.12
CA VAL D 23 24.00 -16.79 42.62
C VAL D 23 23.01 -15.86 41.94
N LEU D 24 21.87 -16.42 41.52
CA LEU D 24 20.83 -15.63 40.87
C LEU D 24 19.51 -15.80 41.61
N GLY D 25 18.80 -14.70 41.81
CA GLY D 25 17.53 -14.75 42.51
C GLY D 25 16.36 -14.41 41.62
N ILE D 26 15.18 -14.95 41.96
CA ILE D 26 13.96 -14.71 41.20
C ILE D 26 12.82 -14.43 42.16
N VAL D 27 12.00 -13.43 41.82
CA VAL D 27 10.83 -13.07 42.63
C VAL D 27 9.64 -13.20 41.70
N CYS D 28 8.71 -14.10 42.01
CA CYS D 28 7.53 -14.33 41.18
C CYS D 28 6.38 -13.44 41.59
N GLY D 29 5.89 -12.63 40.65
CA GLY D 29 4.78 -11.74 40.95
C GLY D 29 3.46 -12.47 40.93
N SER D 30 2.38 -11.71 40.88
CA SER D 30 1.03 -12.28 40.85
C SER D 30 0.75 -13.20 39.66
N GLY D 31 0.42 -14.46 39.96
CA GLY D 31 0.09 -15.42 38.93
C GLY D 31 1.29 -15.90 38.13
N LEU D 32 2.48 -15.53 38.58
CA LEU D 32 3.68 -15.93 37.87
C LEU D 32 4.46 -17.03 38.61
N GLY D 33 3.77 -17.76 39.47
CA GLY D 33 4.40 -18.82 40.24
C GLY D 33 5.06 -19.90 39.40
N LYS D 34 4.35 -20.39 38.39
CA LYS D 34 4.87 -21.42 37.49
C LYS D 34 6.37 -21.30 37.18
N ILE D 35 6.87 -20.06 37.16
CA ILE D 35 8.27 -19.85 36.84
C ILE D 35 9.16 -20.73 37.71
N GLY D 36 8.72 -20.96 38.95
CA GLY D 36 9.49 -21.76 39.88
C GLY D 36 9.71 -23.21 39.52
N ASP D 37 8.73 -23.82 38.84
CA ASP D 37 8.85 -25.21 38.44
C ASP D 37 10.04 -25.39 37.50
N SER D 38 10.57 -24.28 37.01
CA SER D 38 11.71 -24.31 36.10
C SER D 38 13.03 -24.67 36.79
N LEU D 39 13.04 -24.66 38.12
CA LEU D 39 14.26 -25.00 38.84
C LEU D 39 14.42 -26.52 38.96
N GLU D 40 15.61 -26.99 38.60
CA GLU D 40 15.93 -28.42 38.61
C GLU D 40 16.65 -28.83 39.91
N THR D 41 16.43 -30.09 40.34
CA THR D 41 17.07 -30.60 41.55
C THR D 41 16.75 -29.63 42.67
N SER D 42 15.47 -29.30 42.79
CA SER D 42 15.00 -28.33 43.75
C SER D 42 14.65 -28.73 45.17
N ILE D 43 15.05 -27.86 46.09
CA ILE D 43 14.77 -28.00 47.51
C ILE D 43 13.71 -26.92 47.72
N THR D 44 12.65 -27.22 48.47
CA THR D 44 11.60 -26.25 48.71
C THR D 44 11.42 -25.95 50.19
N VAL D 45 11.39 -24.68 50.55
CA VAL D 45 11.20 -24.27 51.94
C VAL D 45 10.02 -23.30 52.06
N ALA D 46 8.95 -23.71 52.74
CA ALA D 46 7.79 -22.83 52.88
C ALA D 46 8.20 -21.58 53.65
N TYR D 47 7.63 -20.44 53.30
CA TYR D 47 7.97 -19.19 53.98
C TYR D 47 7.69 -19.31 55.47
N SER D 48 6.62 -20.03 55.81
CA SER D 48 6.20 -20.22 57.20
C SER D 48 7.25 -20.87 58.11
N ASP D 49 8.16 -21.65 57.53
CA ASP D 49 9.20 -22.31 58.34
C ASP D 49 10.48 -21.51 58.35
N ILE D 50 10.54 -20.46 57.53
CA ILE D 50 11.75 -19.67 57.49
C ILE D 50 11.77 -18.64 58.59
N PRO D 51 12.87 -18.62 59.37
CA PRO D 51 13.10 -17.72 60.48
C PRO D 51 13.16 -16.26 60.01
N ASN D 52 12.46 -15.38 60.72
CA ASN D 52 12.48 -13.97 60.38
C ASN D 52 11.63 -13.55 59.18
N PHE D 53 11.15 -14.50 58.39
CA PHE D 53 10.32 -14.16 57.22
C PHE D 53 9.01 -13.59 57.68
N PRO D 54 8.62 -12.45 57.07
CA PRO D 54 7.39 -11.71 57.34
C PRO D 54 6.20 -12.65 57.48
N VAL D 55 5.46 -12.47 58.57
CA VAL D 55 4.28 -13.28 58.90
C VAL D 55 3.70 -14.09 57.73
N GLY D 63 3.11 -19.71 49.63
CA GLY D 63 4.31 -18.89 49.74
C GLY D 63 5.52 -19.73 50.10
N SER D 64 6.42 -19.93 49.12
CA SER D 64 7.61 -20.78 49.30
C SER D 64 8.85 -20.30 48.56
N LEU D 65 10.01 -20.68 49.09
CA LEU D 65 11.30 -20.33 48.55
C LEU D 65 11.86 -21.61 47.91
N ILE D 66 12.24 -21.52 46.64
CA ILE D 66 12.75 -22.69 45.92
C ILE D 66 14.22 -22.54 45.51
N PHE D 67 15.02 -23.56 45.83
CA PHE D 67 16.43 -23.53 45.48
C PHE D 67 16.70 -24.60 44.42
N GLY D 68 17.35 -24.22 43.34
CA GLY D 68 17.62 -25.18 42.28
C GLY D 68 18.34 -24.50 41.14
N SER D 69 18.61 -25.27 40.09
CA SER D 69 19.33 -24.77 38.94
C SER D 69 18.46 -24.57 37.71
N VAL D 70 18.91 -23.67 36.85
CA VAL D 70 18.23 -23.41 35.59
C VAL D 70 19.37 -23.06 34.65
N ASN D 71 19.41 -23.72 33.49
CA ASN D 71 20.47 -23.48 32.51
C ASN D 71 21.86 -23.47 33.15
N GLY D 72 22.07 -24.34 34.13
CA GLY D 72 23.36 -24.44 34.79
C GLY D 72 23.68 -23.39 35.85
N VAL D 73 22.68 -22.57 36.19
CA VAL D 73 22.88 -21.54 37.20
C VAL D 73 22.10 -21.87 38.47
N SER D 74 22.76 -21.79 39.62
CA SER D 74 22.08 -22.08 40.88
C SER D 74 21.26 -20.84 41.25
N CYS D 75 19.97 -21.05 41.43
CA CYS D 75 19.08 -19.94 41.74
C CYS D 75 18.22 -20.19 42.98
N VAL D 76 17.69 -19.10 43.52
CA VAL D 76 16.77 -19.14 44.64
C VAL D 76 15.56 -18.40 44.06
N CYS D 77 14.38 -18.99 44.18
CA CYS D 77 13.20 -18.39 43.61
C CYS D 77 12.11 -18.17 44.65
N MET D 78 11.60 -16.94 44.73
CA MET D 78 10.52 -16.58 45.65
C MET D 78 9.20 -16.81 44.93
N LYS D 79 8.39 -17.73 45.45
CA LYS D 79 7.07 -17.99 44.86
C LYS D 79 6.10 -17.20 45.74
N GLY D 80 5.97 -15.91 45.45
CA GLY D 80 5.11 -15.04 46.23
C GLY D 80 6.02 -14.00 46.87
N ARG D 81 5.52 -12.78 47.04
CA ARG D 81 6.31 -11.71 47.63
C ARG D 81 5.48 -11.01 48.70
N PHE D 82 6.03 -9.96 49.29
CA PHE D 82 5.30 -9.22 50.33
C PHE D 82 5.07 -7.78 49.85
N HIS D 83 3.91 -7.22 50.17
CA HIS D 83 3.58 -5.86 49.73
C HIS D 83 3.20 -4.95 50.88
N LEU D 84 3.48 -3.65 50.72
CA LEU D 84 3.12 -2.68 51.73
C LEU D 84 1.62 -2.70 52.04
N TYR D 85 0.78 -2.96 51.04
CA TYR D 85 -0.66 -2.96 51.31
C TYR D 85 -1.14 -4.08 52.24
N GLU D 86 -0.30 -5.09 52.48
CA GLU D 86 -0.71 -6.17 53.38
C GLU D 86 -0.53 -5.74 54.83
N GLY D 87 0.20 -4.66 55.03
CA GLY D 87 0.42 -4.18 56.38
C GLY D 87 1.88 -4.17 56.78
N HIS D 88 2.73 -4.75 55.95
CA HIS D 88 4.16 -4.79 56.23
C HIS D 88 4.74 -3.40 56.00
N THR D 89 5.82 -3.11 56.71
CA THR D 89 6.53 -1.86 56.57
C THR D 89 7.41 -2.07 55.35
N ALA D 90 7.88 -0.99 54.74
CA ALA D 90 8.72 -1.11 53.56
C ALA D 90 9.92 -2.00 53.86
N ALA D 91 10.51 -1.81 55.02
CA ALA D 91 11.69 -2.59 55.44
C ALA D 91 11.33 -4.06 55.60
N ARG D 92 10.18 -4.31 56.22
CA ARG D 92 9.77 -5.67 56.43
C ARG D 92 9.48 -6.42 55.12
N ALA D 93 8.72 -5.80 54.21
CA ALA D 93 8.40 -6.47 52.95
C ALA D 93 9.62 -6.63 52.05
N THR D 94 10.69 -5.90 52.35
CA THR D 94 11.88 -6.03 51.55
C THR D 94 12.95 -6.86 52.27
N PHE D 95 12.56 -7.53 53.36
CA PHE D 95 13.50 -8.37 54.11
C PHE D 95 14.07 -9.51 53.27
N PRO D 96 13.24 -10.13 52.43
CA PRO D 96 13.75 -11.23 51.60
C PRO D 96 14.87 -10.78 50.67
N MET D 97 14.88 -9.51 50.28
CA MET D 97 15.93 -9.00 49.41
C MET D 97 17.24 -8.95 50.18
N ARG D 98 17.16 -8.64 51.46
CA ARG D 98 18.37 -8.58 52.28
C ARG D 98 18.84 -10.01 52.46
N VAL D 99 17.89 -10.94 52.55
CA VAL D 99 18.22 -12.35 52.69
C VAL D 99 18.94 -12.80 51.42
N PHE D 100 18.39 -12.45 50.26
CA PHE D 100 19.00 -12.81 48.99
C PHE D 100 20.45 -12.39 48.99
N LYS D 101 20.72 -11.16 49.44
CA LYS D 101 22.08 -10.65 49.47
C LYS D 101 22.96 -11.49 50.37
N ALA D 102 22.47 -11.78 51.57
CA ALA D 102 23.21 -12.58 52.55
C ALA D 102 23.47 -13.99 52.04
N LEU D 103 22.67 -14.45 51.08
CA LEU D 103 22.85 -15.78 50.50
C LEU D 103 23.91 -15.75 49.39
N GLY D 104 24.37 -14.55 49.04
CA GLY D 104 25.37 -14.42 47.99
C GLY D 104 24.82 -14.18 46.59
N VAL D 105 23.53 -13.86 46.50
CA VAL D 105 22.90 -13.59 45.22
C VAL D 105 23.56 -12.37 44.56
N LYS D 106 23.79 -12.44 43.25
CA LYS D 106 24.44 -11.34 42.54
C LYS D 106 23.48 -10.63 41.61
N ILE D 107 22.53 -11.39 41.06
CA ILE D 107 21.55 -10.85 40.14
C ILE D 107 20.15 -11.22 40.57
N VAL D 108 19.24 -10.26 40.52
CA VAL D 108 17.86 -10.55 40.90
C VAL D 108 16.90 -10.24 39.73
N VAL D 109 16.04 -11.20 39.43
CA VAL D 109 15.07 -11.07 38.35
C VAL D 109 13.69 -11.01 38.96
N LEU D 110 13.06 -9.85 38.87
CA LEU D 110 11.73 -9.63 39.45
C LEU D 110 10.64 -9.61 38.38
N THR D 111 9.45 -10.07 38.73
CA THR D 111 8.31 -10.06 37.84
C THR D 111 7.13 -9.55 38.66
N ASN D 112 6.13 -9.00 37.97
CA ASN D 112 4.92 -8.53 38.64
C ASN D 112 3.84 -8.40 37.59
N ALA D 113 2.61 -8.23 38.06
CA ALA D 113 1.47 -8.03 37.19
C ALA D 113 1.16 -6.55 37.42
N ALA D 114 0.97 -5.79 36.34
CA ALA D 114 0.71 -4.35 36.45
C ALA D 114 -0.35 -3.83 35.50
N GLY D 115 -0.82 -2.62 35.79
CA GLY D 115 -1.81 -1.99 34.93
C GLY D 115 -1.09 -1.08 33.95
N GLY D 116 -1.38 -1.24 32.66
CA GLY D 116 -0.73 -0.41 31.66
C GLY D 116 -1.37 0.95 31.49
N LEU D 117 -0.53 1.99 31.47
CA LEU D 117 -1.00 3.35 31.28
C LEU D 117 -0.60 3.79 29.86
N ASN D 118 0.52 3.26 29.36
CA ASN D 118 1.01 3.61 28.03
C ASN D 118 -0.01 3.20 26.95
N PRO D 119 -0.43 4.16 26.12
CA PRO D 119 -1.41 3.94 25.06
C PRO D 119 -1.17 2.77 24.13
N SER D 120 0.08 2.36 23.92
CA SER D 120 0.32 1.23 23.02
C SER D 120 0.42 -0.12 23.68
N TYR D 121 0.26 -0.18 24.99
CA TYR D 121 0.34 -1.46 25.69
C TYR D 121 -1.00 -2.17 25.56
N ARG D 122 -0.98 -3.49 25.55
CA ARG D 122 -2.19 -4.30 25.46
C ARG D 122 -2.15 -5.37 26.55
N PRO D 123 -3.32 -5.81 27.04
CA PRO D 123 -3.25 -6.84 28.06
C PRO D 123 -2.53 -8.04 27.50
N GLY D 124 -1.59 -8.58 28.27
CA GLY D 124 -0.84 -9.74 27.82
C GLY D 124 0.59 -9.36 27.50
N ASP D 125 0.83 -8.07 27.25
CA ASP D 125 2.17 -7.61 26.91
C ASP D 125 3.10 -7.67 28.11
N PHE D 126 4.38 -7.49 27.84
CA PHE D 126 5.42 -7.49 28.86
C PHE D 126 6.10 -6.13 28.82
N MET D 127 6.35 -5.55 29.98
CA MET D 127 7.07 -4.28 30.01
C MET D 127 8.35 -4.47 30.82
N VAL D 128 9.48 -4.47 30.12
CA VAL D 128 10.76 -4.58 30.78
C VAL D 128 10.89 -3.25 31.47
N VAL D 129 11.33 -3.26 32.75
CA VAL D 129 11.46 -2.04 33.50
C VAL D 129 12.78 -1.31 33.32
N ARG D 130 12.73 -0.05 32.87
CA ARG D 130 13.96 0.72 32.70
C ARG D 130 14.15 1.70 33.83
N ASP D 131 13.08 2.03 34.54
CA ASP D 131 13.19 2.95 35.67
C ASP D 131 11.90 2.92 36.46
N HIS D 132 11.89 3.49 37.67
CA HIS D 132 10.65 3.49 38.44
C HIS D 132 10.39 4.80 39.14
N ILE D 133 9.16 4.94 39.62
CA ILE D 133 8.72 6.09 40.39
C ILE D 133 8.10 5.43 41.63
N ASN D 134 8.77 5.55 42.78
CA ASN D 134 8.27 4.94 44.02
C ASN D 134 7.67 5.98 44.96
N LEU D 135 6.38 6.22 44.80
CA LEU D 135 5.69 7.20 45.63
C LEU D 135 5.81 6.94 47.14
N PRO D 136 5.53 5.72 47.64
CA PRO D 136 5.64 5.54 49.09
C PRO D 136 7.05 5.84 49.62
N GLY D 137 8.07 5.50 48.84
CA GLY D 137 9.44 5.76 49.25
C GLY D 137 9.87 7.21 49.25
N LEU D 138 9.05 8.09 48.66
CA LEU D 138 9.38 9.51 48.62
C LEU D 138 8.72 10.17 49.79
N ALA D 139 7.68 9.54 50.33
CA ALA D 139 6.96 10.14 51.44
C ALA D 139 6.66 9.35 52.71
N GLY D 140 7.66 8.84 53.41
CA GLY D 140 7.37 8.15 54.67
C GLY D 140 7.25 6.63 54.71
N ALA D 141 7.62 5.98 53.62
CA ALA D 141 7.58 4.53 53.53
C ALA D 141 8.73 4.07 52.64
N ASN D 142 9.93 4.48 52.98
CA ASN D 142 11.10 4.08 52.21
C ASN D 142 11.66 2.82 52.89
N PRO D 143 12.00 1.79 52.10
CA PRO D 143 12.52 0.53 52.61
C PRO D 143 13.88 0.59 53.30
N LEU D 144 14.60 1.70 53.13
CA LEU D 144 15.90 1.84 53.74
C LEU D 144 15.80 2.73 54.96
N THR D 145 14.60 3.24 55.25
CA THR D 145 14.46 4.11 56.42
C THR D 145 14.89 3.34 57.67
N GLY D 146 15.73 3.98 58.47
CA GLY D 146 16.23 3.37 59.69
C GLY D 146 17.74 3.46 59.74
N PRO D 147 18.40 2.75 60.67
CA PRO D 147 19.86 2.79 60.77
C PRO D 147 20.49 2.02 59.60
N ASN D 148 21.65 2.46 59.16
CA ASN D 148 22.35 1.81 58.05
C ASN D 148 23.69 1.22 58.44
N ASP D 149 23.92 -0.04 58.06
CA ASP D 149 25.20 -0.66 58.36
C ASP D 149 26.14 -0.25 57.24
N ASP D 150 27.05 0.67 57.54
CA ASP D 150 27.97 1.16 56.54
C ASP D 150 28.84 0.12 55.85
N THR D 151 28.79 -1.12 56.31
CA THR D 151 29.57 -2.19 55.69
C THR D 151 28.69 -3.06 54.81
N GLU D 152 27.38 -2.79 54.83
CA GLU D 152 26.42 -3.52 54.01
C GLU D 152 26.09 -2.70 52.75
N GLY D 153 26.15 -1.39 52.90
CA GLY D 153 25.86 -0.50 51.79
C GLY D 153 25.95 0.96 52.17
N GLU D 154 25.80 1.83 51.19
CA GLU D 154 25.86 3.27 51.39
C GLU D 154 24.69 3.78 52.22
N ARG D 155 24.90 4.88 52.94
CA ARG D 155 23.85 5.49 53.76
C ARG D 155 22.83 6.08 52.78
N PHE D 156 23.37 6.79 51.79
CA PHE D 156 22.61 7.46 50.75
C PHE D 156 22.92 6.84 49.39
N PRO D 157 22.41 5.64 49.14
CA PRO D 157 22.63 4.91 47.88
C PRO D 157 22.04 5.56 46.64
N SER D 158 22.80 5.55 45.56
CA SER D 158 22.33 6.15 44.32
C SER D 158 21.33 5.25 43.66
N MET D 159 20.28 5.84 43.13
CA MET D 159 19.25 5.07 42.44
C MET D 159 19.22 5.52 40.96
N THR D 160 20.34 6.05 40.47
CA THR D 160 20.37 6.51 39.09
C THR D 160 20.28 5.41 38.08
N SER D 161 20.70 4.21 38.44
CA SER D 161 20.62 3.09 37.50
C SER D 161 20.16 1.82 38.20
N VAL D 162 18.97 1.85 38.78
CA VAL D 162 18.44 0.68 39.46
C VAL D 162 18.32 -0.54 38.55
N TYR D 163 17.92 -0.32 37.30
CA TYR D 163 17.74 -1.42 36.38
C TYR D 163 18.88 -1.58 35.37
N ASP D 164 19.71 -2.58 35.64
CA ASP D 164 20.90 -2.90 34.84
C ASP D 164 20.67 -2.81 33.34
N LYS D 165 21.36 -1.89 32.70
CA LYS D 165 21.22 -1.71 31.26
C LYS D 165 21.49 -2.99 30.49
N THR D 166 22.50 -3.74 30.93
CA THR D 166 22.85 -4.97 30.27
C THR D 166 21.79 -6.04 30.41
N LEU D 167 21.25 -6.19 31.60
CA LEU D 167 20.25 -7.20 31.81
C LEU D 167 19.00 -6.87 31.01
N ARG D 168 18.75 -5.57 30.82
CA ARG D 168 17.61 -5.14 30.05
C ARG D 168 17.81 -5.60 28.60
N LYS D 169 18.99 -5.34 28.05
CA LYS D 169 19.32 -5.75 26.68
C LYS D 169 19.07 -7.21 26.52
N TYR D 170 19.51 -8.01 27.49
CA TYR D 170 19.31 -9.46 27.43
C TYR D 170 17.84 -9.75 27.33
N ALA D 171 17.06 -9.05 28.14
CA ALA D 171 15.62 -9.27 28.17
C ALA D 171 14.93 -8.92 26.85
N ILE D 172 15.27 -7.76 26.30
CA ILE D 172 14.70 -7.31 25.04
C ILE D 172 15.00 -8.29 23.91
N SER D 173 16.27 -8.68 23.80
CA SER D 173 16.67 -9.61 22.75
C SER D 173 16.12 -11.01 22.99
N ALA D 174 15.96 -11.38 24.26
CA ALA D 174 15.41 -12.69 24.56
C ALA D 174 13.96 -12.74 24.08
N ALA D 175 13.29 -11.59 24.20
CA ALA D 175 11.90 -11.48 23.79
C ALA D 175 11.84 -11.60 22.27
N ARG D 176 12.71 -10.86 21.60
CA ARG D 176 12.79 -10.90 20.15
C ARG D 176 12.98 -12.35 19.75
N GLU D 177 14.05 -12.95 20.29
CA GLU D 177 14.37 -14.34 20.01
C GLU D 177 13.21 -15.29 20.21
N LEU D 178 12.33 -14.98 21.16
CA LEU D 178 11.18 -15.85 21.43
C LEU D 178 9.96 -15.49 20.60
N GLY D 179 10.08 -14.43 19.80
CA GLY D 179 8.98 -14.00 18.94
C GLY D 179 7.93 -13.12 19.63
N MET D 180 8.34 -12.42 20.68
CA MET D 180 7.42 -11.55 21.44
C MET D 180 7.81 -10.08 21.34
N SER D 181 8.68 -9.76 20.40
CA SER D 181 9.14 -8.39 20.23
C SER D 181 8.02 -7.35 20.11
N TYR D 182 6.91 -7.71 19.48
CA TYR D 182 5.83 -6.75 19.31
C TYR D 182 4.97 -6.55 20.55
N ALA D 183 5.07 -7.48 21.49
CA ALA D 183 4.29 -7.44 22.73
C ALA D 183 5.17 -7.16 23.93
N THR D 184 6.43 -6.80 23.68
CA THR D 184 7.40 -6.51 24.74
C THR D 184 7.87 -5.06 24.64
N HIS D 185 7.71 -4.30 25.71
CA HIS D 185 8.12 -2.91 25.70
C HIS D 185 9.17 -2.68 26.78
N GLU D 186 9.64 -1.45 26.85
CA GLU D 186 10.58 -1.06 27.87
C GLU D 186 10.06 0.30 28.36
N GLY D 187 9.77 0.38 29.66
CA GLY D 187 9.23 1.61 30.19
C GLY D 187 9.38 1.82 31.69
N VAL D 188 8.69 2.84 32.18
CA VAL D 188 8.75 3.25 33.57
C VAL D 188 7.65 2.66 34.42
N TYR D 189 8.06 2.02 35.53
CA TYR D 189 7.09 1.42 36.45
C TYR D 189 6.81 2.36 37.62
N CYS D 190 5.54 2.67 37.86
CA CYS D 190 5.17 3.53 38.99
C CYS D 190 4.58 2.69 40.11
N CYS D 191 5.23 2.76 41.26
CA CYS D 191 4.80 2.00 42.43
C CYS D 191 3.98 2.85 43.39
N VAL D 192 2.79 2.39 43.75
CA VAL D 192 1.94 3.07 44.72
C VAL D 192 1.66 2.09 45.87
N ASN D 193 1.07 2.57 46.94
CA ASN D 193 0.83 1.71 48.09
C ASN D 193 -0.21 0.62 47.90
N GLY D 194 -1.35 0.97 47.31
CA GLY D 194 -2.42 0.00 47.17
C GLY D 194 -3.16 -0.01 48.51
N PRO D 195 -4.11 -0.93 48.72
CA PRO D 195 -4.52 -1.95 47.75
C PRO D 195 -5.66 -1.44 46.82
N SER D 196 -6.18 -0.25 47.09
CA SER D 196 -7.25 0.29 46.24
C SER D 196 -6.64 0.80 44.96
N PHE D 197 -7.32 0.55 43.84
CA PHE D 197 -6.81 1.03 42.56
C PHE D 197 -7.03 2.55 42.56
N GLU D 198 -6.32 3.29 41.71
CA GLU D 198 -6.47 4.75 41.74
C GLU D 198 -7.69 5.30 41.02
N THR D 199 -8.09 6.49 41.47
CA THR D 199 -9.21 7.16 40.88
C THR D 199 -8.76 7.67 39.51
N PRO D 200 -9.72 8.01 38.64
CA PRO D 200 -9.30 8.51 37.32
C PRO D 200 -8.45 9.77 37.49
N ALA D 201 -8.83 10.61 38.45
CA ALA D 201 -8.06 11.84 38.70
C ALA D 201 -6.62 11.51 39.14
N GLU D 202 -6.44 10.42 39.87
CA GLU D 202 -5.12 10.01 40.35
C GLU D 202 -4.31 9.42 39.20
N CYS D 203 -5.00 8.63 38.38
CA CYS D 203 -4.41 8.00 37.21
C CYS D 203 -3.87 9.10 36.28
N LYS D 204 -4.58 10.22 36.18
CA LYS D 204 -4.09 11.30 35.34
C LYS D 204 -2.79 11.82 35.90
N ILE D 205 -2.72 11.97 37.21
CA ILE D 205 -1.50 12.45 37.84
C ILE D 205 -0.35 11.52 37.49
N LEU D 206 -0.62 10.22 37.57
CA LEU D 206 0.36 9.20 37.29
C LEU D 206 0.88 9.29 35.81
N ARG D 207 -0.01 9.64 34.90
CA ARG D 207 0.37 9.81 33.51
C ARG D 207 1.21 11.08 33.40
N LEU D 208 0.82 12.12 34.12
CA LEU D 208 1.58 13.37 34.13
C LEU D 208 3.01 13.13 34.65
N MET D 209 3.19 12.13 35.49
CA MET D 209 4.52 11.85 36.04
C MET D 209 5.37 11.04 35.08
N GLY D 210 4.77 10.59 33.99
CA GLY D 210 5.53 9.79 33.04
C GLY D 210 5.51 8.29 33.30
N SER D 211 4.45 7.79 33.91
CA SER D 211 4.36 6.34 34.20
C SER D 211 3.80 5.57 33.02
N ASP D 212 4.42 4.43 32.70
CA ASP D 212 3.99 3.57 31.61
C ASP D 212 3.11 2.47 32.16
N ALA D 213 3.35 2.11 33.41
CA ALA D 213 2.53 1.09 34.07
C ALA D 213 2.53 1.34 35.57
N VAL D 214 1.51 0.86 36.26
CA VAL D 214 1.43 1.06 37.69
C VAL D 214 1.13 -0.24 38.45
N GLY D 215 1.87 -0.47 39.53
CA GLY D 215 1.67 -1.66 40.33
C GLY D 215 1.93 -1.36 41.79
N MET D 216 1.79 -2.34 42.66
CA MET D 216 1.99 -2.08 44.08
C MET D 216 3.18 -2.81 44.71
N SER D 217 4.24 -3.00 43.92
CA SER D 217 5.40 -3.72 44.41
C SER D 217 6.66 -3.39 43.64
N THR D 218 7.61 -4.31 43.73
CA THR D 218 8.89 -4.25 43.01
C THR D 218 9.88 -3.11 43.25
N ALA D 219 9.40 -1.86 43.20
CA ALA D 219 10.29 -0.72 43.36
C ALA D 219 11.05 -0.74 44.68
N PRO D 220 10.33 -0.94 45.81
CA PRO D 220 10.98 -1.01 47.13
C PRO D 220 12.01 -2.13 47.20
N GLU D 221 11.71 -3.24 46.54
CA GLU D 221 12.61 -4.40 46.51
C GLU D 221 13.88 -4.09 45.74
N THR D 222 13.77 -3.39 44.61
CA THR D 222 14.95 -3.08 43.81
C THR D 222 15.78 -2.00 44.45
N ILE D 223 15.13 -1.14 45.25
CA ILE D 223 15.90 -0.10 45.94
C ILE D 223 16.86 -0.82 46.91
N VAL D 224 16.31 -1.80 47.63
CA VAL D 224 17.08 -2.56 48.61
C VAL D 224 18.11 -3.48 47.95
N ALA D 225 17.72 -4.14 46.86
CA ALA D 225 18.65 -5.02 46.17
C ALA D 225 19.86 -4.22 45.66
N LYS D 226 19.55 -3.11 44.98
CA LYS D 226 20.56 -2.21 44.42
C LYS D 226 21.52 -1.74 45.51
N HIS D 227 20.94 -1.41 46.66
CA HIS D 227 21.70 -0.93 47.80
C HIS D 227 22.63 -2.03 48.30
N GLY D 228 22.14 -3.27 48.22
CA GLY D 228 22.92 -4.41 48.65
C GLY D 228 23.89 -4.90 47.59
N GLY D 229 24.22 -4.04 46.62
CA GLY D 229 25.15 -4.42 45.55
C GLY D 229 24.69 -5.43 44.51
N MET D 230 23.40 -5.71 44.44
CA MET D 230 22.93 -6.69 43.46
C MET D 230 22.40 -6.00 42.20
N ARG D 231 22.45 -6.71 41.09
CA ARG D 231 21.98 -6.17 39.81
C ARG D 231 20.53 -6.59 39.63
N CYS D 232 19.70 -5.65 39.18
CA CYS D 232 18.30 -5.95 38.99
C CYS D 232 17.72 -5.86 37.57
N LEU D 233 16.75 -6.74 37.33
CA LEU D 233 16.01 -6.80 36.10
C LEU D 233 14.58 -7.05 36.58
N ALA D 234 13.63 -6.29 36.05
CA ALA D 234 12.24 -6.43 36.43
C ALA D 234 11.40 -6.43 35.16
N VAL D 235 10.43 -7.33 35.08
CA VAL D 235 9.55 -7.39 33.92
C VAL D 235 8.10 -7.46 34.38
N SER D 236 7.29 -6.52 33.90
CA SER D 236 5.89 -6.53 34.30
C SER D 236 5.02 -7.17 33.23
N LEU D 237 4.06 -7.97 33.69
CA LEU D 237 3.10 -8.55 32.77
C LEU D 237 1.98 -7.51 32.82
N ILE D 238 1.65 -6.94 31.68
CA ILE D 238 0.60 -5.94 31.63
C ILE D 238 -0.71 -6.72 31.63
N SER D 239 -1.26 -6.95 32.82
CA SER D 239 -2.48 -7.73 32.98
C SER D 239 -3.74 -7.05 32.48
N ASN D 240 -3.76 -5.73 32.52
CA ASN D 240 -4.91 -4.95 32.06
C ASN D 240 -4.36 -3.58 31.61
N VAL D 241 -5.20 -2.83 30.90
CA VAL D 241 -4.81 -1.53 30.38
C VAL D 241 -5.87 -0.50 30.70
N ILE D 242 -5.43 0.70 31.03
CA ILE D 242 -6.32 1.78 31.38
C ILE D 242 -6.59 2.58 30.12
N ALA D 243 -7.85 2.91 29.88
CA ALA D 243 -8.21 3.67 28.69
C ALA D 243 -7.70 5.12 28.77
N SER D 244 -7.81 5.83 27.66
CA SER D 244 -7.36 7.21 27.59
C SER D 244 -7.97 8.10 28.66
N ASN D 245 -9.24 7.83 28.98
CA ASN D 245 -9.96 8.64 29.96
C ASN D 245 -9.52 8.33 31.40
N CYS D 246 -8.59 7.39 31.53
CA CYS D 246 -8.04 6.97 32.81
C CYS D 246 -8.98 6.16 33.72
N GLU D 247 -9.63 5.14 33.15
CA GLU D 247 -10.53 4.25 33.91
C GLU D 247 -10.17 2.80 33.67
N ALA D 260 -5.90 -16.70 29.45
CA ALA D 260 -5.33 -15.40 29.84
C ALA D 260 -4.04 -15.58 30.66
N GLY D 261 -4.20 -15.78 31.98
CA GLY D 261 -3.07 -15.95 32.89
C GLY D 261 -2.09 -17.09 32.62
N GLU D 262 -2.59 -18.24 32.15
CA GLU D 262 -1.70 -19.36 31.88
C GLU D 262 -0.75 -19.13 30.71
N GLU D 263 -1.22 -18.42 29.68
CA GLU D 263 -0.36 -18.13 28.53
C GLU D 263 0.68 -17.11 29.00
N ALA D 264 0.24 -16.15 29.82
CA ALA D 264 1.16 -15.15 30.34
C ALA D 264 2.26 -15.89 31.09
N SER D 265 1.85 -16.80 31.96
CA SER D 265 2.77 -17.60 32.77
C SER D 265 3.80 -18.35 31.92
N ALA D 266 3.32 -19.01 30.87
CA ALA D 266 4.21 -19.76 29.98
C ALA D 266 5.23 -18.82 29.33
N ARG D 267 4.73 -17.74 28.71
CA ARG D 267 5.60 -16.78 28.04
C ARG D 267 6.65 -16.17 28.96
N MET D 268 6.22 -15.75 30.15
CA MET D 268 7.14 -15.15 31.11
C MET D 268 8.18 -16.18 31.55
N THR D 269 7.76 -17.43 31.75
CA THR D 269 8.68 -18.51 32.16
C THR D 269 9.77 -18.69 31.11
N ALA D 270 9.36 -18.73 29.84
CA ALA D 270 10.33 -18.89 28.76
C ALA D 270 11.30 -17.73 28.73
N LEU D 271 10.76 -16.51 28.83
CA LEU D 271 11.59 -15.31 28.79
C LEU D 271 12.63 -15.31 29.90
N VAL D 272 12.22 -15.60 31.13
CA VAL D 272 13.15 -15.64 32.25
C VAL D 272 14.23 -16.69 32.05
N LYS D 273 13.84 -17.86 31.56
CA LYS D 273 14.81 -18.93 31.33
C LYS D 273 15.84 -18.50 30.29
N LEU D 274 15.38 -17.99 29.15
CA LEU D 274 16.32 -17.57 28.12
C LEU D 274 17.24 -16.47 28.65
N VAL D 275 16.70 -15.59 29.49
CA VAL D 275 17.51 -14.50 30.05
C VAL D 275 18.58 -15.06 30.98
N ILE D 276 18.22 -16.10 31.73
CA ILE D 276 19.17 -16.70 32.64
C ILE D 276 20.27 -17.38 31.84
N GLU D 277 19.92 -17.89 30.66
CA GLU D 277 20.92 -18.54 29.83
C GLU D 277 21.95 -17.51 29.40
N LYS D 278 21.49 -16.36 28.90
CA LYS D 278 22.41 -15.31 28.46
C LYS D 278 23.26 -14.78 29.61
N ILE D 279 22.73 -14.88 30.83
CA ILE D 279 23.45 -14.42 32.03
C ILE D 279 24.61 -15.35 32.36
N ARG D 280 24.39 -16.65 32.18
CA ARG D 280 25.42 -17.65 32.48
C ARG D 280 26.70 -17.42 31.68
N GLY D 281 26.59 -16.71 30.56
CA GLY D 281 27.74 -16.41 29.73
C GLY D 281 28.27 -15.05 30.09
P PO4 E . 14.63 7.21 -21.38
O1 PO4 E . 15.96 7.79 -21.02
O2 PO4 E . 14.84 5.82 -21.93
O3 PO4 E . 13.76 7.14 -20.17
O4 PO4 E . 13.97 8.07 -22.40
C TRS F . 11.49 10.66 -21.38
C1 TRS F . 11.10 9.20 -21.68
C2 TRS F . 10.54 11.20 -20.28
C3 TRS F . 11.34 11.47 -22.68
N TRS F . 12.89 10.76 -20.95
O1 TRS F . 11.23 8.38 -20.49
O2 TRS F . 10.84 12.54 -19.95
O3 TRS F . 11.75 12.82 -22.43
P PO4 G . -19.79 12.44 -19.68
O1 PO4 G . -20.55 13.71 -19.80
O2 PO4 G . -19.51 11.88 -21.04
O3 PO4 G . -18.49 12.69 -18.98
O4 PO4 G . -20.59 11.47 -18.89
C TRS H . -19.97 10.50 -15.57
C1 TRS H . -19.05 9.87 -16.65
C2 TRS H . -19.09 10.87 -14.36
C3 TRS H . -21.04 9.47 -15.17
N TRS H . -20.65 11.72 -16.08
O1 TRS H . -18.04 10.81 -17.06
O2 TRS H . -19.89 11.47 -13.35
O3 TRS H . -21.92 10.05 -14.21
P PO4 I . -4.82 -12.50 -0.58
O1 PO4 I . -5.01 -12.79 0.87
O2 PO4 I . -5.82 -13.28 -1.37
O3 PO4 I . -5.00 -11.02 -0.81
O4 PO4 I . -3.44 -12.90 -1.00
C TRS J . -0.86 -10.41 -0.78
C1 TRS J . -1.75 -10.56 -2.03
C2 TRS J . -0.45 -8.92 -0.67
C3 TRS J . 0.35 -11.31 -0.95
N TRS J . -1.59 -10.83 0.44
O1 TRS J . -2.94 -9.74 -1.92
O2 TRS J . 0.35 -8.69 0.47
O3 TRS J . 1.18 -11.20 0.20
P PO4 K . 2.52 -8.14 42.01
O1 PO4 K . 2.82 -8.82 40.72
O2 PO4 K . 3.24 -8.85 43.12
O3 PO4 K . 2.98 -6.72 41.96
O4 PO4 K . 1.05 -8.17 42.27
C TRS L . -1.22 -5.73 41.52
C1 TRS L . -0.45 -5.42 42.82
C2 TRS L . -1.44 -4.41 40.76
C3 TRS L . -2.57 -6.36 41.89
N TRS L . -0.49 -6.68 40.67
O1 TRS L . 0.83 -4.85 42.54
O2 TRS L . -2.15 -4.67 39.54
O3 TRS L . -3.29 -6.70 40.71
#